data_7RSV
#
_entry.id   7RSV
#
_cell.length_a   64.706
_cell.length_b   119.027
_cell.length_c   91.287
_cell.angle_alpha   90.000
_cell.angle_beta   108.950
_cell.angle_gamma   90.000
#
_symmetry.space_group_name_H-M   'P 1 21 1'
#
loop_
_entity.id
_entity.type
_entity.pdbx_description
1 polymer 'Phosphatidylinositol 3-kinase catalytic subunit type 3'
2 non-polymer (5aS,8aR,9S)-2-[(3R)-3-methylmorpholin-4-yl]-5,5a,6,7,8,8a-hexahydro-4H-cyclopenta[e]pyrazolo[1,5-a]pyrazin-4-one
3 non-polymer GLYCEROL
4 non-polymer 'SODIUM ION'
5 water water
#
_entity_poly.entity_id   1
_entity_poly.type   'polypeptide(L)'
_entity_poly.pdbx_seq_one_letter_code
;HHHHHHGENLYFQGSDHDLKPNAATRDQLNIIVSYPPTKQLTYEEQDLVWKFRYYLTNQEKALTKFLKCVNWDLPQEAKQ
ALELLGKWKPMDVEDSLELLSSHYTNPTVRRYAVARLRQADDEDLLMYLLQLVQALKYENFDDIKNGLEPTKKDSQSSVS
ENVSNSGINSAEIDSSQIITSPLPSVSSPPPASKTKEVPDGENLEQDLCTFLISRACKNSTLANYLYWYVIVECEDQDTQ
QRDPKTHEMYLNVMRRFSQALLKGDKSVRVMRSLLAAQQTFVDRLVHLMKAVQRESGNRKKKNERLQALLGDNEKMNLSD
VELIPLPLEPQVKIRGIIPETATLFKSALMPAQLFFKTEDGGKYPVIFKHGDDLRQDQLILQIISLMDKLLRKENLDLKL
TPYKVLATSTKHGFMQFIQSVPVAEVLDTEGSIQNFFRKYAPSENGPNGISAEVMDTYVKSCAGYCVITYILGVGDRHLD
NLLLTKTGKLFHIDFGYILGRDPKPLPPPMKLNKEMVEGMGGTQSEQYQEFRKQCYTAFLHLRRYSNLILNLFSLMVDAN
IPDIALEPDKTVKKVQDKFRLDLSDEEAVHYMQSLIDESVHALFAAVVEQIH
;
_entity_poly.pdbx_strand_id   A,B
#
loop_
_chem_comp.id
_chem_comp.type
_chem_comp.name
_chem_comp.formula
7IQ non-polymer (5aS,8aR,9S)-2-[(3R)-3-methylmorpholin-4-yl]-5,5a,6,7,8,8a-hexahydro-4H-cyclopenta[e]pyrazolo[1,5-a]pyrazin-4-one 'C14 H20 N4 O2'
GOL non-polymer GLYCEROL 'C3 H8 O3'
NA non-polymer 'SODIUM ION' 'Na 1'
#
# COMPACT_ATOMS: atom_id res chain seq x y z
N LYS A 20 -45.64 -30.79 13.71
CA LYS A 20 -45.32 -30.66 15.13
C LYS A 20 -45.13 -29.20 15.53
N PRO A 21 -44.23 -28.49 14.85
CA PRO A 21 -44.10 -27.05 15.11
C PRO A 21 -45.15 -26.26 14.34
N ASN A 22 -45.69 -25.22 14.99
CA ASN A 22 -46.71 -24.41 14.36
C ASN A 22 -46.09 -23.45 13.35
N ALA A 23 -46.93 -22.70 12.64
CA ALA A 23 -46.46 -21.88 11.53
C ALA A 23 -45.39 -20.89 11.99
N ALA A 24 -45.57 -20.29 13.16
CA ALA A 24 -44.58 -19.33 13.65
C ALA A 24 -43.25 -20.02 13.93
N THR A 25 -43.29 -21.19 14.56
CA THR A 25 -42.05 -21.92 14.83
C THR A 25 -41.38 -22.36 13.54
N ARG A 26 -42.16 -22.81 12.56
CA ARG A 26 -41.58 -23.22 11.29
C ARG A 26 -40.90 -22.06 10.58
N ASP A 27 -41.48 -20.85 10.69
CA ASP A 27 -40.83 -19.68 10.12
C ASP A 27 -39.49 -19.42 10.80
N GLN A 28 -39.46 -19.51 12.14
CA GLN A 28 -38.20 -19.33 12.86
C GLN A 28 -37.19 -20.39 12.46
N LEU A 29 -37.62 -21.66 12.40
CA LEU A 29 -36.70 -22.72 12.02
C LEU A 29 -36.19 -22.52 10.60
N ASN A 30 -37.05 -22.07 9.70
CA ASN A 30 -36.63 -21.85 8.32
C ASN A 30 -35.62 -20.72 8.21
N ILE A 31 -35.76 -19.69 9.04
CA ILE A 31 -34.77 -18.63 9.08
C ILE A 31 -33.43 -19.17 9.57
N ILE A 32 -33.45 -19.96 10.64
CA ILE A 32 -32.23 -20.56 11.18
C ILE A 32 -31.56 -21.45 10.14
N VAL A 33 -32.35 -22.30 9.49
CA VAL A 33 -31.79 -23.22 8.50
C VAL A 33 -31.16 -22.44 7.35
N SER A 34 -31.63 -21.23 7.08
CA SER A 34 -31.11 -20.43 5.98
C SER A 34 -29.82 -19.70 6.31
N TYR A 35 -29.37 -19.71 7.57
CA TYR A 35 -28.20 -18.95 7.97
C TYR A 35 -26.98 -19.35 7.13
N PRO A 36 -26.05 -18.42 6.92
CA PRO A 36 -24.75 -18.79 6.34
C PRO A 36 -24.05 -19.82 7.21
N PRO A 37 -23.12 -20.59 6.66
CA PRO A 37 -22.62 -21.77 7.38
C PRO A 37 -21.77 -21.45 8.60
N THR A 38 -21.17 -20.27 8.70
CA THR A 38 -20.35 -19.93 9.87
C THR A 38 -21.03 -18.94 10.80
N LYS A 39 -22.29 -18.61 10.57
CA LYS A 39 -23.02 -17.76 11.51
C LYS A 39 -23.29 -18.52 12.80
N GLN A 40 -22.92 -17.92 13.92
CA GLN A 40 -23.07 -18.57 15.21
C GLN A 40 -24.53 -18.57 15.66
N LEU A 41 -25.03 -19.75 16.05
CA LEU A 41 -26.37 -19.85 16.60
C LEU A 41 -26.38 -19.34 18.03
N THR A 42 -27.46 -18.64 18.40
CA THR A 42 -27.65 -18.26 19.78
C THR A 42 -28.06 -19.47 20.61
N TYR A 43 -27.94 -19.34 21.93
CA TYR A 43 -28.35 -20.44 22.81
C TYR A 43 -29.83 -20.79 22.59
N GLU A 44 -30.66 -19.77 22.35
CA GLU A 44 -32.09 -20.05 22.16
C GLU A 44 -32.34 -20.75 20.84
N GLU A 45 -31.58 -20.41 19.80
CA GLU A 45 -31.71 -21.09 18.52
C GLU A 45 -31.23 -22.54 18.62
N GLN A 46 -30.12 -22.76 19.34
CA GLN A 46 -29.66 -24.13 19.57
C GLN A 46 -30.72 -24.94 20.29
N ASP A 47 -31.38 -24.35 21.30
CA ASP A 47 -32.43 -25.06 22.00
C ASP A 47 -33.57 -25.43 21.06
N LEU A 48 -33.93 -24.52 20.15
CA LEU A 48 -35.06 -24.77 19.27
C LEU A 48 -34.74 -25.86 18.25
N VAL A 49 -33.56 -25.79 17.65
CA VAL A 49 -33.15 -26.82 16.70
C VAL A 49 -33.14 -28.18 17.37
N TRP A 50 -32.57 -28.25 18.57
CA TRP A 50 -32.56 -29.53 19.31
C TRP A 50 -33.98 -29.98 19.61
N LYS A 51 -34.84 -29.07 20.08
CA LYS A 51 -36.21 -29.44 20.43
C LYS A 51 -36.92 -30.13 19.27
N PHE A 52 -36.76 -29.60 18.05
CA PHE A 52 -37.43 -30.15 16.88
C PHE A 52 -36.49 -30.95 15.99
N ARG A 53 -35.50 -31.61 16.57
CA ARG A 53 -34.53 -32.34 15.77
C ARG A 53 -35.19 -33.45 14.97
N TYR A 54 -36.18 -34.13 15.55
CA TYR A 54 -36.84 -35.21 14.82
C TYR A 54 -37.68 -34.69 13.66
N TYR A 55 -38.38 -33.58 13.87
CA TYR A 55 -39.12 -32.96 12.77
C TYR A 55 -38.18 -32.55 11.64
N LEU A 56 -36.97 -32.11 11.99
CA LEU A 56 -36.03 -31.58 11.00
C LEU A 56 -35.30 -32.66 10.22
N THR A 57 -35.45 -33.94 10.57
CA THR A 57 -34.72 -35.00 9.86
C THR A 57 -35.14 -35.11 8.41
N ASN A 58 -36.29 -34.54 8.02
CA ASN A 58 -36.75 -34.59 6.65
C ASN A 58 -36.24 -33.43 5.80
N GLN A 59 -35.44 -32.54 6.38
CA GLN A 59 -34.88 -31.39 5.68
C GLN A 59 -33.37 -31.55 5.62
N GLU A 60 -32.84 -31.86 4.44
CA GLU A 60 -31.40 -32.08 4.32
C GLU A 60 -30.62 -30.82 4.66
N LYS A 61 -31.20 -29.64 4.44
CA LYS A 61 -30.50 -28.40 4.75
C LYS A 61 -30.41 -28.13 6.24
N ALA A 62 -31.20 -28.82 7.07
CA ALA A 62 -31.18 -28.61 8.51
C ALA A 62 -30.08 -29.39 9.21
N LEU A 63 -29.47 -30.37 8.53
CA LEU A 63 -28.53 -31.25 9.21
C LEU A 63 -27.32 -30.48 9.76
N THR A 64 -26.75 -29.59 8.95
CA THR A 64 -25.58 -28.84 9.42
C THR A 64 -25.92 -27.98 10.63
N LYS A 65 -27.13 -27.42 10.67
CA LYS A 65 -27.52 -26.63 11.83
C LYS A 65 -27.66 -27.52 13.06
N PHE A 66 -28.25 -28.70 12.90
CA PHE A 66 -28.35 -29.62 14.03
C PHE A 66 -26.98 -29.99 14.55
N LEU A 67 -26.08 -30.40 13.67
CA LEU A 67 -24.75 -30.81 14.10
C LEU A 67 -24.02 -29.68 14.82
N LYS A 68 -24.30 -28.43 14.43
CA LYS A 68 -23.68 -27.28 15.09
C LYS A 68 -24.22 -27.05 16.51
N CYS A 69 -25.39 -27.60 16.85
N CYS A 69 -25.38 -27.62 16.84
CA CYS A 69 -25.95 -27.40 18.18
CA CYS A 69 -26.02 -27.44 18.13
C CYS A 69 -25.39 -28.42 19.18
C CYS A 69 -25.71 -28.57 19.11
N VAL A 70 -24.93 -29.56 18.70
CA VAL A 70 -24.60 -30.69 19.57
C VAL A 70 -23.39 -30.33 20.44
N ASN A 71 -23.46 -30.72 21.71
CA ASN A 71 -22.30 -30.69 22.60
C ASN A 71 -21.57 -32.02 22.43
N TRP A 72 -20.51 -32.01 21.63
CA TRP A 72 -19.82 -33.25 21.29
C TRP A 72 -18.98 -33.79 22.43
N ASP A 73 -18.81 -33.02 23.51
CA ASP A 73 -18.05 -33.46 24.68
C ASP A 73 -18.90 -34.18 25.71
N LEU A 74 -20.18 -34.38 25.43
CA LEU A 74 -21.05 -35.16 26.31
C LEU A 74 -21.35 -36.49 25.64
N PRO A 75 -20.79 -37.60 26.11
CA PRO A 75 -20.92 -38.88 25.36
C PRO A 75 -22.34 -39.23 25.01
N GLN A 76 -23.27 -39.07 25.95
CA GLN A 76 -24.65 -39.45 25.71
C GLN A 76 -25.27 -38.61 24.62
N GLU A 77 -24.93 -37.31 24.56
CA GLU A 77 -25.48 -36.44 23.54
C GLU A 77 -24.83 -36.70 22.18
N ALA A 78 -23.51 -36.88 22.16
CA ALA A 78 -22.85 -37.27 20.92
C ALA A 78 -23.46 -38.54 20.35
N LYS A 79 -23.75 -39.50 21.22
CA LYS A 79 -24.33 -40.76 20.77
C LYS A 79 -25.70 -40.56 20.13
N GLN A 80 -26.57 -39.80 20.80
CA GLN A 80 -27.88 -39.55 20.19
C GLN A 80 -27.73 -38.75 18.91
N ALA A 81 -26.80 -37.79 18.88
CA ALA A 81 -26.60 -37.00 17.68
C ALA A 81 -26.18 -37.88 16.51
N LEU A 82 -25.33 -38.88 16.77
CA LEU A 82 -24.89 -39.76 15.69
C LEU A 82 -26.00 -40.71 15.25
N GLU A 83 -26.91 -41.06 16.17
CA GLU A 83 -28.08 -41.84 15.78
C GLU A 83 -28.96 -41.05 14.81
N LEU A 84 -29.19 -39.77 15.11
CA LEU A 84 -29.97 -38.93 14.21
C LEU A 84 -29.24 -38.70 12.90
N LEU A 85 -27.91 -38.58 12.94
CA LEU A 85 -27.15 -38.40 11.71
C LEU A 85 -27.42 -39.52 10.73
N GLY A 86 -27.51 -40.75 11.24
CA GLY A 86 -27.79 -41.90 10.37
C GLY A 86 -29.19 -41.93 9.82
N LYS A 87 -30.14 -41.27 10.50
CA LYS A 87 -31.52 -41.21 10.06
C LYS A 87 -31.86 -39.94 9.27
N TRP A 88 -30.94 -38.99 9.19
CA TRP A 88 -31.24 -37.72 8.56
C TRP A 88 -31.27 -37.86 7.04
N LYS A 89 -32.17 -37.13 6.40
CA LYS A 89 -32.12 -37.03 4.95
C LYS A 89 -30.76 -36.48 4.54
N PRO A 90 -29.97 -37.22 3.77
CA PRO A 90 -28.56 -36.84 3.57
C PRO A 90 -28.41 -35.45 2.97
N MET A 91 -27.47 -34.69 3.53
CA MET A 91 -27.20 -33.34 3.04
C MET A 91 -26.65 -33.39 1.62
N ASP A 92 -26.86 -32.29 0.89
CA ASP A 92 -26.26 -32.16 -0.44
C ASP A 92 -24.76 -32.35 -0.33
N VAL A 93 -24.17 -32.93 -1.39
CA VAL A 93 -22.76 -33.31 -1.34
C VAL A 93 -21.89 -32.12 -0.97
N GLU A 94 -22.13 -30.96 -1.59
CA GLU A 94 -21.25 -29.82 -1.38
C GLU A 94 -21.40 -29.25 0.03
N ASP A 95 -22.56 -29.40 0.65
CA ASP A 95 -22.75 -28.92 2.02
C ASP A 95 -21.83 -29.62 3.01
N SER A 96 -21.32 -30.81 2.66
CA SER A 96 -20.47 -31.58 3.57
C SER A 96 -19.12 -30.92 3.83
N LEU A 97 -18.73 -29.94 3.02
CA LEU A 97 -17.46 -29.26 3.27
C LEU A 97 -17.44 -28.60 4.64
N GLU A 98 -18.61 -28.17 5.13
CA GLU A 98 -18.69 -27.56 6.45
C GLU A 98 -18.23 -28.52 7.55
N LEU A 99 -18.50 -29.81 7.39
CA LEU A 99 -18.18 -30.78 8.42
C LEU A 99 -16.69 -31.10 8.50
N LEU A 100 -15.89 -30.61 7.55
CA LEU A 100 -14.45 -30.82 7.59
C LEU A 100 -13.70 -29.60 8.08
N SER A 101 -14.40 -28.55 8.48
CA SER A 101 -13.76 -27.36 9.02
C SER A 101 -13.25 -27.65 10.43
N SER A 102 -12.56 -26.65 11.01
CA SER A 102 -11.98 -26.81 12.33
C SER A 102 -13.03 -27.02 13.42
N HIS A 103 -14.29 -26.75 13.14
CA HIS A 103 -15.31 -26.88 14.19
C HIS A 103 -15.45 -28.32 14.67
N TYR A 104 -15.22 -29.30 13.78
CA TYR A 104 -15.59 -30.68 14.04
C TYR A 104 -14.35 -31.53 14.32
N THR A 105 -14.34 -32.17 15.49
CA THR A 105 -13.36 -33.19 15.81
C THR A 105 -13.97 -34.58 15.92
N ASN A 106 -15.28 -34.69 15.99
CA ASN A 106 -15.90 -36.01 16.10
C ASN A 106 -15.56 -36.83 14.86
N PRO A 107 -14.91 -37.98 15.02
CA PRO A 107 -14.51 -38.76 13.83
C PRO A 107 -15.68 -39.20 12.97
N THR A 108 -16.80 -39.60 13.59
CA THR A 108 -17.93 -40.08 12.78
C THR A 108 -18.51 -38.97 11.93
N VAL A 109 -18.56 -37.74 12.47
CA VAL A 109 -19.03 -36.61 11.67
C VAL A 109 -18.12 -36.40 10.48
N ARG A 110 -16.80 -36.43 10.71
CA ARG A 110 -15.86 -36.14 9.63
C ARG A 110 -15.83 -37.27 8.60
N ARG A 111 -16.04 -38.52 9.02
CA ARG A 111 -16.16 -39.62 8.06
C ARG A 111 -17.45 -39.52 7.27
N TYR A 112 -18.52 -39.04 7.89
CA TYR A 112 -19.76 -38.82 7.15
C TYR A 112 -19.56 -37.80 6.04
N ALA A 113 -18.83 -36.72 6.32
CA ALA A 113 -18.53 -35.74 5.27
C ALA A 113 -17.78 -36.39 4.12
N VAL A 114 -16.77 -37.22 4.42
CA VAL A 114 -16.03 -37.89 3.35
C VAL A 114 -16.95 -38.80 2.57
N ALA A 115 -17.87 -39.48 3.25
CA ALA A 115 -18.81 -40.38 2.57
C ALA A 115 -19.71 -39.62 1.60
N ARG A 116 -20.11 -38.40 1.96
CA ARG A 116 -20.85 -37.59 1.01
C ARG A 116 -19.96 -37.13 -0.13
N LEU A 117 -18.72 -36.75 0.17
CA LEU A 117 -17.82 -36.29 -0.88
C LEU A 117 -17.45 -37.40 -1.86
N ARG A 118 -17.45 -38.65 -1.40
CA ARG A 118 -17.23 -39.75 -2.32
C ARG A 118 -18.22 -39.74 -3.47
N GLN A 119 -19.37 -39.09 -3.30
CA GLN A 119 -20.37 -39.05 -4.35
C GLN A 119 -20.13 -37.94 -5.37
N ALA A 120 -19.23 -37.00 -5.08
CA ALA A 120 -18.92 -35.94 -6.03
C ALA A 120 -18.11 -36.48 -7.21
N ASP A 121 -18.34 -35.91 -8.38
CA ASP A 121 -17.55 -36.34 -9.52
C ASP A 121 -16.16 -35.69 -9.48
N ASP A 122 -15.26 -36.20 -10.33
CA ASP A 122 -13.89 -35.71 -10.31
C ASP A 122 -13.80 -34.23 -10.63
N GLU A 123 -14.68 -33.71 -11.49
CA GLU A 123 -14.61 -32.30 -11.83
C GLU A 123 -14.95 -31.42 -10.63
N ASP A 124 -15.98 -31.80 -9.86
CA ASP A 124 -16.34 -31.03 -8.67
C ASP A 124 -15.26 -31.14 -7.61
N LEU A 125 -14.74 -32.36 -7.40
CA LEU A 125 -13.71 -32.55 -6.38
C LEU A 125 -12.49 -31.68 -6.67
N LEU A 126 -12.14 -31.53 -7.95
CA LEU A 126 -11.02 -30.68 -8.31
C LEU A 126 -11.27 -29.24 -7.88
N MET A 127 -12.52 -28.78 -8.01
CA MET A 127 -12.85 -27.41 -7.63
C MET A 127 -12.70 -27.16 -6.14
N TYR A 128 -12.75 -28.21 -5.31
CA TYR A 128 -12.61 -28.08 -3.86
C TYR A 128 -11.25 -28.51 -3.35
N LEU A 129 -10.38 -29.03 -4.21
CA LEU A 129 -9.20 -29.74 -3.73
C LEU A 129 -8.24 -28.84 -2.96
N LEU A 130 -8.03 -27.61 -3.43
CA LEU A 130 -7.14 -26.71 -2.71
C LEU A 130 -7.57 -26.57 -1.26
N GLN A 131 -8.88 -26.45 -1.03
CA GLN A 131 -9.40 -26.28 0.32
C GLN A 131 -9.37 -27.58 1.10
N LEU A 132 -9.63 -28.71 0.44
CA LEU A 132 -9.57 -29.99 1.14
C LEU A 132 -8.16 -30.31 1.62
N VAL A 133 -7.14 -29.86 0.88
CA VAL A 133 -5.76 -30.07 1.34
C VAL A 133 -5.50 -29.24 2.60
N GLN A 134 -6.06 -28.04 2.67
CA GLN A 134 -5.96 -27.26 3.90
C GLN A 134 -6.69 -27.95 5.05
N ALA A 135 -7.82 -28.61 4.75
CA ALA A 135 -8.63 -29.24 5.78
C ALA A 135 -7.95 -30.45 6.40
N LEU A 136 -6.88 -30.96 5.80
CA LEU A 136 -6.11 -32.01 6.44
C LEU A 136 -5.54 -31.56 7.78
N LYS A 137 -5.39 -30.25 7.99
CA LYS A 137 -4.93 -29.73 9.27
C LYS A 137 -5.87 -30.08 10.42
N TYR A 138 -7.13 -30.37 10.12
CA TYR A 138 -8.12 -30.68 11.14
C TYR A 138 -8.38 -32.17 11.30
N GLU A 139 -7.63 -33.01 10.58
CA GLU A 139 -7.78 -34.45 10.69
C GLU A 139 -6.93 -34.99 11.85
N ASN A 140 -7.03 -36.30 12.09
CA ASN A 140 -6.26 -36.96 13.13
C ASN A 140 -4.88 -37.30 12.59
N PHE A 141 -3.85 -36.59 13.09
CA PHE A 141 -2.50 -36.74 12.56
C PHE A 141 -1.93 -38.12 12.83
N ASP A 142 -2.34 -38.76 13.93
CA ASP A 142 -1.84 -40.10 14.22
C ASP A 142 -2.37 -41.11 13.21
N ASP A 143 -3.65 -40.98 12.84
CA ASP A 143 -4.22 -41.88 11.84
C ASP A 143 -3.50 -41.74 10.50
N ILE A 144 -3.18 -40.50 10.10
CA ILE A 144 -2.47 -40.29 8.84
C ILE A 144 -1.11 -40.97 8.89
N LYS A 145 -0.39 -40.79 10.00
CA LYS A 145 0.94 -41.38 10.14
C LYS A 145 0.87 -42.91 10.19
N ASN A 146 -0.11 -43.46 10.91
CA ASN A 146 -0.20 -44.90 11.08
C ASN A 146 -0.66 -45.63 9.84
N GLY A 147 -1.12 -44.92 8.81
CA GLY A 147 -1.42 -45.58 7.55
C GLY A 147 -0.20 -46.00 6.75
N LEU A 148 0.99 -45.57 7.15
CA LEU A 148 2.21 -45.92 6.44
C LEU A 148 2.61 -47.37 6.69
N GLU A 205 -15.40 -45.83 6.38
CA GLU A 205 -14.10 -46.12 6.97
C GLU A 205 -13.06 -45.07 6.56
N GLN A 206 -13.20 -44.54 5.35
CA GLN A 206 -12.19 -43.64 4.81
C GLN A 206 -12.19 -42.31 5.53
N ASP A 207 -11.01 -41.86 5.96
CA ASP A 207 -10.84 -40.48 6.40
C ASP A 207 -10.42 -39.64 5.19
N LEU A 208 -10.16 -38.35 5.44
CA LEU A 208 -9.95 -37.42 4.34
C LEU A 208 -8.67 -37.74 3.57
N CYS A 209 -7.58 -37.99 4.29
CA CYS A 209 -6.32 -38.36 3.63
C CYS A 209 -6.48 -39.60 2.75
N THR A 210 -7.06 -40.66 3.31
CA THR A 210 -7.26 -41.89 2.56
C THR A 210 -8.13 -41.64 1.33
N PHE A 211 -9.20 -40.86 1.49
CA PHE A 211 -10.09 -40.55 0.38
C PHE A 211 -9.38 -39.81 -0.74
N LEU A 212 -8.66 -38.74 -0.40
CA LEU A 212 -8.00 -37.95 -1.43
C LEU A 212 -7.00 -38.78 -2.22
N ILE A 213 -6.18 -39.57 -1.51
CA ILE A 213 -5.21 -40.42 -2.19
C ILE A 213 -5.93 -41.44 -3.08
N SER A 214 -7.04 -42.00 -2.59
CA SER A 214 -7.77 -42.99 -3.37
C SER A 214 -8.31 -42.39 -4.66
N ARG A 215 -8.84 -41.17 -4.60
CA ARG A 215 -9.36 -40.55 -5.82
C ARG A 215 -8.22 -40.14 -6.75
N ALA A 216 -7.09 -39.71 -6.19
CA ALA A 216 -5.95 -39.34 -7.02
C ALA A 216 -5.40 -40.54 -7.77
N CYS A 217 -5.45 -41.74 -7.16
CA CYS A 217 -4.95 -42.93 -7.82
C CYS A 217 -5.78 -43.29 -9.04
N LYS A 218 -7.00 -42.79 -9.13
CA LYS A 218 -7.90 -43.09 -10.24
C LYS A 218 -8.02 -41.97 -11.26
N ASN A 219 -7.37 -40.82 -11.01
CA ASN A 219 -7.55 -39.66 -11.90
C ASN A 219 -6.24 -38.90 -11.94
N SER A 220 -5.61 -38.85 -13.11
CA SER A 220 -4.27 -38.27 -13.20
C SER A 220 -4.29 -36.76 -12.99
N THR A 221 -5.38 -36.09 -13.32
CA THR A 221 -5.46 -34.66 -13.05
C THR A 221 -5.55 -34.40 -11.55
N LEU A 222 -6.40 -35.14 -10.85
CA LEU A 222 -6.45 -35.01 -9.40
C LEU A 222 -5.10 -35.33 -8.76
N ALA A 223 -4.43 -36.38 -9.25
CA ALA A 223 -3.12 -36.73 -8.71
C ALA A 223 -2.12 -35.61 -8.91
N ASN A 224 -2.17 -34.94 -10.07
CA ASN A 224 -1.22 -33.86 -10.33
C ASN A 224 -1.41 -32.72 -9.34
N TYR A 225 -2.66 -32.30 -9.11
CA TYR A 225 -2.88 -31.18 -8.20
C TYR A 225 -2.69 -31.59 -6.74
N LEU A 226 -3.07 -32.80 -6.38
CA LEU A 226 -2.79 -33.25 -5.01
C LEU A 226 -1.29 -33.22 -4.73
N TYR A 227 -0.48 -33.68 -5.70
CA TYR A 227 0.96 -33.67 -5.51
C TYR A 227 1.48 -32.25 -5.26
N TRP A 228 1.13 -31.30 -6.14
CA TRP A 228 1.71 -29.97 -6.03
C TRP A 228 1.15 -29.22 -4.83
N TYR A 229 -0.15 -29.39 -4.53
CA TYR A 229 -0.71 -28.72 -3.35
C TYR A 229 -0.01 -29.19 -2.07
N VAL A 230 0.26 -30.49 -1.97
CA VAL A 230 0.86 -31.02 -0.75
C VAL A 230 2.34 -30.69 -0.68
N ILE A 231 3.05 -30.75 -1.81
CA ILE A 231 4.48 -30.45 -1.78
C ILE A 231 4.71 -29.01 -1.36
N VAL A 232 3.82 -28.09 -1.78
CA VAL A 232 3.93 -26.72 -1.29
C VAL A 232 3.79 -26.66 0.22
N GLU A 233 2.85 -27.43 0.78
CA GLU A 233 2.71 -27.47 2.23
C GLU A 233 3.94 -28.07 2.90
N CYS A 234 4.60 -29.03 2.25
CA CYS A 234 5.82 -29.60 2.83
C CYS A 234 6.98 -28.61 2.82
N GLU A 235 7.02 -27.68 1.88
CA GLU A 235 8.12 -26.72 1.78
C GLU A 235 7.86 -25.44 2.56
N ASP A 236 6.70 -25.32 3.20
CA ASP A 236 6.34 -24.10 3.93
C ASP A 236 7.17 -24.02 5.20
N GLN A 237 8.17 -23.15 5.20
CA GLN A 237 9.06 -23.03 6.36
C GLN A 237 8.37 -22.35 7.53
N ASP A 238 7.36 -21.51 7.26
CA ASP A 238 6.54 -20.98 8.33
C ASP A 238 5.87 -22.10 9.11
N THR A 239 5.23 -23.02 8.39
CA THR A 239 4.59 -24.16 9.05
C THR A 239 5.62 -25.00 9.81
N GLN A 240 6.78 -25.22 9.20
CA GLN A 240 7.80 -26.04 9.84
C GLN A 240 8.25 -25.43 11.16
N GLN A 241 8.36 -24.11 11.22
CA GLN A 241 8.83 -23.46 12.43
C GLN A 241 7.72 -23.26 13.45
N ARG A 242 6.53 -22.82 13.00
CA ARG A 242 5.47 -22.43 13.92
C ARG A 242 4.51 -23.55 14.27
N ASP A 243 4.36 -24.55 13.41
CA ASP A 243 3.44 -25.67 13.64
C ASP A 243 4.11 -26.96 13.17
N PRO A 244 5.11 -27.44 13.92
CA PRO A 244 5.87 -28.60 13.45
C PRO A 244 5.04 -29.85 13.23
N LYS A 245 4.04 -30.09 14.08
CA LYS A 245 3.23 -31.30 13.92
C LYS A 245 2.43 -31.25 12.63
N THR A 246 1.93 -30.08 12.26
CA THR A 246 1.23 -29.93 10.99
C THR A 246 2.19 -30.15 9.81
N HIS A 247 3.40 -29.62 9.90
CA HIS A 247 4.39 -29.86 8.86
C HIS A 247 4.67 -31.34 8.71
N GLU A 248 4.86 -32.05 9.82
CA GLU A 248 5.13 -33.48 9.74
C GLU A 248 3.93 -34.26 9.20
N MET A 249 2.71 -33.79 9.47
CA MET A 249 1.54 -34.44 8.90
C MET A 249 1.58 -34.38 7.38
N TYR A 250 1.85 -33.20 6.82
CA TYR A 250 1.89 -33.05 5.38
C TYR A 250 3.01 -33.91 4.77
N LEU A 251 4.16 -34.00 5.45
CA LEU A 251 5.17 -34.95 5.02
C LEU A 251 4.60 -36.36 4.97
N ASN A 252 3.81 -36.74 5.98
CA ASN A 252 3.24 -38.08 6.00
C ASN A 252 2.19 -38.25 4.92
N VAL A 253 1.44 -37.19 4.59
CA VAL A 253 0.49 -37.29 3.49
C VAL A 253 1.22 -37.59 2.19
N MET A 254 2.34 -36.91 1.95
CA MET A 254 3.12 -37.16 0.74
C MET A 254 3.67 -38.58 0.74
N ARG A 255 4.18 -39.04 1.89
CA ARG A 255 4.66 -40.41 1.99
C ARG A 255 3.54 -41.41 1.71
N ARG A 256 2.36 -41.17 2.31
CA ARG A 256 1.21 -42.04 2.04
C ARG A 256 0.84 -42.01 0.57
N PHE A 257 0.86 -40.83 -0.06
CA PHE A 257 0.52 -40.72 -1.47
C PHE A 257 1.50 -41.51 -2.32
N SER A 258 2.79 -41.31 -2.09
CA SER A 258 3.81 -42.07 -2.83
C SER A 258 3.66 -43.57 -2.59
N GLN A 259 3.33 -43.95 -1.34
CA GLN A 259 3.08 -45.36 -1.04
C GLN A 259 1.98 -45.94 -1.91
N ALA A 260 0.85 -45.23 -2.00
CA ALA A 260 -0.30 -45.77 -2.72
C ALA A 260 -0.02 -45.86 -4.22
N LEU A 261 0.73 -44.90 -4.76
CA LEU A 261 1.02 -44.90 -6.19
C LEU A 261 1.93 -46.06 -6.55
N LEU A 262 2.95 -46.33 -5.73
CA LEU A 262 3.87 -47.43 -6.01
C LEU A 262 3.17 -48.77 -5.84
N LYS A 263 2.23 -48.86 -4.90
CA LYS A 263 1.51 -50.10 -4.65
C LYS A 263 0.55 -50.46 -5.78
N GLY A 264 0.13 -49.48 -6.58
CA GLY A 264 -0.91 -49.68 -7.57
C GLY A 264 -0.43 -50.36 -8.84
N ASP A 265 -1.32 -50.37 -9.83
CA ASP A 265 -1.06 -51.02 -11.11
C ASP A 265 -0.21 -50.13 -12.00
N LYS A 266 0.02 -50.59 -13.24
CA LYS A 266 1.03 -49.98 -14.10
C LYS A 266 0.70 -48.52 -14.40
N SER A 267 -0.55 -48.25 -14.77
CA SER A 267 -0.94 -46.87 -15.05
C SER A 267 -0.71 -45.97 -13.84
N VAL A 268 -0.89 -46.49 -12.63
CA VAL A 268 -0.63 -45.69 -11.43
C VAL A 268 0.86 -45.53 -11.17
N ARG A 269 1.65 -46.59 -11.37
CA ARG A 269 3.09 -46.45 -11.16
C ARG A 269 3.72 -45.55 -12.21
N VAL A 270 3.17 -45.53 -13.43
CA VAL A 270 3.63 -44.58 -14.43
C VAL A 270 3.33 -43.16 -13.97
N MET A 271 2.12 -42.94 -13.46
CA MET A 271 1.78 -41.63 -12.90
C MET A 271 2.79 -41.19 -11.86
N ARG A 272 3.24 -42.11 -11.01
CA ARG A 272 4.22 -41.78 -9.99
C ARG A 272 5.53 -41.31 -10.61
N SER A 273 5.99 -41.98 -11.66
CA SER A 273 7.24 -41.57 -12.30
C SER A 273 7.09 -40.22 -13.01
N LEU A 274 5.90 -39.93 -13.53
CA LEU A 274 5.70 -38.66 -14.21
C LEU A 274 5.67 -37.49 -13.24
N LEU A 275 5.13 -37.70 -12.03
CA LEU A 275 5.23 -36.67 -11.00
C LEU A 275 6.67 -36.38 -10.65
N ALA A 276 7.48 -37.43 -10.48
CA ALA A 276 8.90 -37.22 -10.22
C ALA A 276 9.56 -36.44 -11.36
N ALA A 277 9.20 -36.77 -12.60
CA ALA A 277 9.78 -36.07 -13.74
C ALA A 277 9.39 -34.60 -13.77
N GLN A 278 8.14 -34.28 -13.44
CA GLN A 278 7.73 -32.88 -13.35
C GLN A 278 8.57 -32.16 -12.30
N GLN A 279 8.73 -32.77 -11.13
CA GLN A 279 9.46 -32.12 -10.04
C GLN A 279 10.89 -31.81 -10.45
N THR A 280 11.56 -32.75 -11.12
CA THR A 280 12.94 -32.48 -11.54
C THR A 280 12.99 -31.41 -12.62
N PHE A 281 11.99 -31.36 -13.51
CA PHE A 281 11.93 -30.29 -14.49
C PHE A 281 11.83 -28.93 -13.80
N VAL A 282 10.91 -28.81 -12.84
CA VAL A 282 10.76 -27.56 -12.10
C VAL A 282 12.05 -27.22 -11.38
N ASP A 283 12.68 -28.22 -10.74
CA ASP A 283 13.97 -28.01 -10.08
C ASP A 283 14.99 -27.40 -11.03
N ARG A 284 15.07 -27.95 -12.25
CA ARG A 284 16.03 -27.42 -13.21
C ARG A 284 15.66 -26.00 -13.65
N LEU A 285 14.37 -25.74 -13.80
CA LEU A 285 13.94 -24.39 -14.15
C LEU A 285 14.26 -23.39 -13.05
N VAL A 286 14.09 -23.81 -11.79
CA VAL A 286 14.45 -22.95 -10.66
C VAL A 286 15.94 -22.64 -10.67
N HIS A 287 16.76 -23.68 -10.84
CA HIS A 287 18.21 -23.47 -10.91
C HIS A 287 18.56 -22.51 -12.05
N LEU A 288 17.86 -22.63 -13.18
CA LEU A 288 18.13 -21.75 -14.30
C LEU A 288 17.81 -20.29 -13.96
N MET A 289 16.66 -20.06 -13.33
CA MET A 289 16.30 -18.69 -12.96
C MET A 289 17.31 -18.07 -12.02
N LYS A 290 17.82 -18.86 -11.07
CA LYS A 290 18.84 -18.33 -10.16
C LYS A 290 20.10 -17.95 -10.92
N ALA A 291 20.54 -18.79 -11.85
CA ALA A 291 21.72 -18.48 -12.64
C ALA A 291 21.55 -17.15 -13.39
N VAL A 292 20.35 -16.91 -13.93
CA VAL A 292 20.12 -15.67 -14.66
C VAL A 292 20.20 -14.47 -13.72
N GLN A 293 19.88 -14.66 -12.43
CA GLN A 293 19.82 -13.56 -11.49
C GLN A 293 21.11 -13.36 -10.69
N ARG A 294 22.05 -14.30 -10.76
CA ARG A 294 23.40 -14.01 -10.28
C ARG A 294 24.12 -13.06 -11.24
N GLU A 295 23.72 -13.06 -12.50
CA GLU A 295 24.08 -12.01 -13.45
C GLU A 295 23.80 -10.64 -12.84
N SER A 296 24.59 -9.65 -13.25
CA SER A 296 24.33 -8.26 -12.87
C SER A 296 24.40 -7.34 -14.09
N GLY A 297 24.12 -7.88 -15.28
CA GLY A 297 23.99 -7.06 -16.46
C GLY A 297 22.60 -6.47 -16.57
N ASN A 298 22.42 -5.65 -17.61
CA ASN A 298 21.12 -5.05 -17.86
C ASN A 298 20.14 -6.12 -18.35
N ARG A 299 18.89 -5.71 -18.58
CA ARG A 299 17.87 -6.68 -18.95
C ARG A 299 18.21 -7.38 -20.26
N LYS A 300 18.81 -6.66 -21.20
CA LYS A 300 19.19 -7.28 -22.48
C LYS A 300 20.18 -8.42 -22.25
N LYS A 301 21.20 -8.18 -21.42
CA LYS A 301 22.17 -9.22 -21.11
C LYS A 301 21.51 -10.40 -20.41
N LYS A 302 20.55 -10.12 -19.53
CA LYS A 302 19.90 -11.21 -18.80
C LYS A 302 19.00 -12.03 -19.70
N ASN A 303 18.30 -11.38 -20.64
CA ASN A 303 17.54 -12.14 -21.63
C ASN A 303 18.46 -13.05 -22.43
N GLU A 304 19.64 -12.54 -22.81
CA GLU A 304 20.59 -13.36 -23.56
C GLU A 304 21.07 -14.54 -22.73
N ARG A 305 21.34 -14.31 -21.44
CA ARG A 305 21.74 -15.40 -20.56
C ARG A 305 20.63 -16.44 -20.43
N LEU A 306 19.39 -15.97 -20.22
CA LEU A 306 18.25 -16.88 -20.11
C LEU A 306 18.12 -17.73 -21.37
N GLN A 307 18.21 -17.11 -22.55
CA GLN A 307 18.02 -17.85 -23.79
C GLN A 307 19.19 -18.78 -24.08
N ALA A 308 20.40 -18.37 -23.71
CA ALA A 308 21.56 -19.24 -23.93
C ALA A 308 21.50 -20.47 -23.03
N LEU A 309 21.13 -20.29 -21.76
CA LEU A 309 21.02 -21.43 -20.85
C LEU A 309 19.91 -22.37 -21.28
N LEU A 310 18.76 -21.83 -21.68
CA LEU A 310 17.68 -22.69 -22.15
C LEU A 310 18.07 -23.46 -23.39
N GLY A 311 18.98 -22.90 -24.20
CA GLY A 311 19.37 -23.55 -25.44
C GLY A 311 20.38 -24.67 -25.26
N ASP A 312 21.03 -24.75 -24.11
CA ASP A 312 22.01 -25.81 -23.83
C ASP A 312 21.26 -26.96 -23.16
N ASN A 313 20.71 -27.86 -23.99
CA ASN A 313 19.93 -28.96 -23.44
C ASN A 313 20.82 -29.94 -22.69
N GLU A 314 22.02 -30.21 -23.20
CA GLU A 314 22.95 -31.09 -22.50
C GLU A 314 23.30 -30.56 -21.12
N LYS A 315 23.35 -29.24 -20.97
CA LYS A 315 23.76 -28.65 -19.71
C LYS A 315 22.57 -28.49 -18.76
N MET A 316 21.47 -27.91 -19.24
CA MET A 316 20.32 -27.60 -18.40
C MET A 316 19.14 -28.53 -18.59
N ASN A 317 18.97 -29.09 -19.78
CA ASN A 317 17.91 -30.05 -20.06
C ASN A 317 16.53 -29.44 -19.86
N LEU A 318 16.26 -28.39 -20.65
CA LEU A 318 14.96 -27.75 -20.64
C LEU A 318 14.43 -27.46 -22.05
N SER A 319 15.26 -27.54 -23.08
CA SER A 319 14.80 -27.31 -24.45
C SER A 319 14.12 -28.54 -25.04
N ASP A 320 14.54 -29.73 -24.64
CA ASP A 320 13.99 -30.97 -25.19
C ASP A 320 14.01 -32.01 -24.07
N VAL A 321 12.82 -32.43 -23.63
CA VAL A 321 12.68 -33.43 -22.57
C VAL A 321 11.59 -34.41 -23.00
N GLU A 322 11.65 -35.61 -22.42
CA GLU A 322 10.58 -36.56 -22.63
C GLU A 322 9.25 -35.97 -22.16
N LEU A 323 8.17 -36.40 -22.81
CA LEU A 323 6.86 -35.80 -22.55
C LEU A 323 6.48 -35.91 -21.07
N ILE A 324 6.03 -34.79 -20.51
CA ILE A 324 5.54 -34.76 -19.13
C ILE A 324 4.34 -33.84 -19.04
N PRO A 325 3.45 -34.10 -18.09
CA PRO A 325 2.34 -33.17 -17.87
C PRO A 325 2.85 -31.80 -17.45
N LEU A 326 2.23 -30.77 -17.98
CA LEU A 326 2.53 -29.42 -17.53
C LEU A 326 1.90 -29.22 -16.15
N PRO A 327 2.68 -28.96 -15.10
CA PRO A 327 2.07 -28.85 -13.77
C PRO A 327 0.92 -27.87 -13.74
N LEU A 328 1.05 -26.78 -14.47
CA LEU A 328 0.04 -25.73 -14.50
C LEU A 328 -1.28 -26.20 -15.09
N GLU A 329 -1.22 -27.12 -16.05
CA GLU A 329 -2.42 -27.65 -16.70
C GLU A 329 -2.08 -29.04 -17.19
N PRO A 330 -2.17 -30.04 -16.31
CA PRO A 330 -1.54 -31.35 -16.61
C PRO A 330 -2.13 -32.07 -17.79
N GLN A 331 -3.34 -31.69 -18.24
CA GLN A 331 -3.89 -32.28 -19.44
C GLN A 331 -3.05 -31.94 -20.67
N VAL A 332 -2.22 -30.90 -20.59
CA VAL A 332 -1.32 -30.52 -21.67
C VAL A 332 0.05 -31.11 -21.36
N LYS A 333 0.54 -31.99 -22.23
CA LYS A 333 1.88 -32.53 -22.10
C LYS A 333 2.86 -31.63 -22.85
N ILE A 334 4.07 -31.49 -22.31
CA ILE A 334 5.06 -30.60 -22.91
C ILE A 334 6.36 -31.34 -23.17
N ARG A 335 7.11 -30.83 -24.15
CA ARG A 335 8.38 -31.41 -24.59
C ARG A 335 9.58 -30.53 -24.25
N GLY A 336 9.37 -29.39 -23.61
CA GLY A 336 10.45 -28.48 -23.29
C GLY A 336 10.00 -27.04 -23.46
N ILE A 337 10.98 -26.14 -23.42
CA ILE A 337 10.75 -24.70 -23.51
C ILE A 337 11.48 -24.17 -24.73
N ILE A 338 10.83 -23.27 -25.47
CA ILE A 338 11.43 -22.67 -26.65
C ILE A 338 12.46 -21.64 -26.20
N PRO A 339 13.74 -21.84 -26.52
CA PRO A 339 14.77 -20.94 -25.97
C PRO A 339 14.74 -19.55 -26.55
N GLU A 340 14.45 -19.40 -27.85
CA GLU A 340 14.65 -18.12 -28.53
C GLU A 340 13.64 -17.06 -28.10
N THR A 341 12.48 -17.45 -27.58
CA THR A 341 11.42 -16.51 -27.27
C THR A 341 11.27 -16.22 -25.78
N ALA A 342 12.18 -16.72 -24.94
CA ALA A 342 12.08 -16.50 -23.51
C ALA A 342 12.64 -15.12 -23.15
N THR A 343 11.88 -14.36 -22.37
CA THR A 343 12.31 -13.03 -21.94
C THR A 343 11.88 -12.81 -20.49
N LEU A 344 12.52 -11.83 -19.85
CA LEU A 344 12.16 -11.42 -18.50
C LEU A 344 11.26 -10.21 -18.55
N PHE A 345 10.26 -10.18 -17.67
CA PHE A 345 9.41 -9.00 -17.55
C PHE A 345 10.20 -7.84 -16.95
N LYS A 346 9.87 -6.64 -17.40
CA LYS A 346 10.48 -5.42 -16.87
C LYS A 346 9.77 -5.09 -15.55
N SER A 347 10.25 -5.70 -14.47
CA SER A 347 9.67 -5.53 -13.16
C SER A 347 10.71 -5.93 -12.11
N ALA A 348 10.43 -5.56 -10.86
CA ALA A 348 11.41 -5.73 -9.80
C ALA A 348 11.85 -7.19 -9.68
N LEU A 349 10.90 -8.12 -9.70
CA LEU A 349 11.20 -9.53 -9.48
C LEU A 349 11.59 -10.28 -10.74
N MET A 350 11.53 -9.62 -11.90
CA MET A 350 11.95 -10.17 -13.19
C MET A 350 11.46 -11.61 -13.39
N PRO A 351 10.15 -11.86 -13.31
CA PRO A 351 9.61 -13.15 -13.72
C PRO A 351 9.85 -13.37 -15.21
N ALA A 352 9.79 -14.62 -15.63
CA ALA A 352 10.08 -14.98 -17.02
C ALA A 352 8.80 -15.31 -17.76
N GLN A 353 8.73 -14.89 -19.02
CA GLN A 353 7.73 -15.39 -19.96
C GLN A 353 8.38 -16.51 -20.76
N LEU A 354 7.79 -17.70 -20.68
CA LEU A 354 8.32 -18.89 -21.34
C LEU A 354 7.25 -19.53 -22.19
N PHE A 355 7.65 -20.01 -23.37
CA PHE A 355 6.75 -20.71 -24.28
C PHE A 355 7.09 -22.20 -24.24
N PHE A 356 6.17 -23.00 -23.72
CA PHE A 356 6.36 -24.44 -23.67
C PHE A 356 5.99 -25.07 -25.01
N LYS A 357 6.80 -26.04 -25.44
CA LYS A 357 6.45 -26.87 -26.60
C LYS A 357 5.45 -27.93 -26.15
N THR A 358 4.25 -27.88 -26.69
CA THR A 358 3.24 -28.84 -26.32
C THR A 358 3.32 -30.09 -27.19
N GLU A 359 2.75 -31.19 -26.69
CA GLU A 359 2.69 -32.42 -27.45
C GLU A 359 1.92 -32.22 -28.76
N ASP A 360 0.89 -31.36 -28.74
CA ASP A 360 0.12 -31.09 -29.94
C ASP A 360 0.89 -30.30 -30.99
N GLY A 361 2.17 -30.03 -30.76
CA GLY A 361 2.96 -29.25 -31.68
C GLY A 361 2.73 -27.76 -31.60
N GLY A 362 2.07 -27.28 -30.56
CA GLY A 362 1.81 -25.87 -30.37
C GLY A 362 2.72 -25.25 -29.32
N LYS A 363 2.31 -24.08 -28.85
CA LYS A 363 3.03 -23.37 -27.80
C LYS A 363 2.05 -22.98 -26.70
N TYR A 364 2.55 -22.98 -25.47
CA TYR A 364 1.78 -22.63 -24.28
C TYR A 364 2.59 -21.65 -23.47
N PRO A 365 2.29 -20.35 -23.54
CA PRO A 365 3.07 -19.37 -22.78
C PRO A 365 2.68 -19.36 -21.31
N VAL A 366 3.68 -19.18 -20.47
CA VAL A 366 3.47 -19.04 -19.03
C VAL A 366 4.29 -17.86 -18.54
N ILE A 367 3.91 -17.37 -17.36
CA ILE A 367 4.79 -16.61 -16.51
C ILE A 367 5.31 -17.56 -15.46
N PHE A 368 6.63 -17.63 -15.31
CA PHE A 368 7.24 -18.33 -14.19
C PHE A 368 7.82 -17.30 -13.23
N LYS A 369 7.23 -17.23 -12.03
CA LYS A 369 7.70 -16.34 -10.99
C LYS A 369 8.67 -17.09 -10.08
N HIS A 370 9.78 -16.46 -9.73
CA HIS A 370 10.71 -17.03 -8.78
C HIS A 370 11.07 -16.01 -7.71
N GLY A 371 11.19 -16.49 -6.47
CA GLY A 371 11.38 -15.60 -5.34
C GLY A 371 10.11 -14.86 -5.00
N ASP A 372 8.97 -15.54 -5.08
CA ASP A 372 7.66 -14.90 -5.04
C ASP A 372 6.63 -15.93 -4.59
N ASP A 373 5.74 -15.51 -3.68
CA ASP A 373 4.71 -16.40 -3.15
C ASP A 373 3.41 -16.17 -3.93
N LEU A 374 2.99 -17.18 -4.69
CA LEU A 374 1.82 -17.10 -5.55
C LEU A 374 0.54 -17.57 -4.89
N ARG A 375 0.57 -17.92 -3.61
CA ARG A 375 -0.55 -18.67 -3.06
C ARG A 375 -1.83 -17.84 -2.95
N GLN A 376 -1.71 -16.52 -2.67
CA GLN A 376 -2.93 -15.71 -2.64
C GLN A 376 -3.55 -15.59 -4.03
N ASP A 377 -2.72 -15.34 -5.05
CA ASP A 377 -3.20 -15.39 -6.42
C ASP A 377 -3.78 -16.76 -6.76
N GLN A 378 -3.10 -17.83 -6.32
CA GLN A 378 -3.60 -19.17 -6.60
C GLN A 378 -5.00 -19.36 -6.04
N LEU A 379 -5.23 -18.91 -4.80
CA LEU A 379 -6.56 -19.04 -4.22
C LEU A 379 -7.59 -18.23 -5.00
N ILE A 380 -7.27 -16.97 -5.31
CA ILE A 380 -8.28 -16.11 -5.94
C ILE A 380 -8.63 -16.63 -7.33
N LEU A 381 -7.62 -17.04 -8.12
CA LEU A 381 -7.93 -17.57 -9.44
C LEU A 381 -8.68 -18.89 -9.36
N GLN A 382 -8.46 -19.66 -8.30
CA GLN A 382 -9.24 -20.88 -8.10
C GLN A 382 -10.70 -20.55 -7.80
N ILE A 383 -10.93 -19.50 -7.01
CA ILE A 383 -12.30 -19.09 -6.68
C ILE A 383 -12.97 -18.43 -7.89
N ILE A 384 -12.20 -17.63 -8.64
CA ILE A 384 -12.76 -17.05 -9.86
C ILE A 384 -13.16 -18.16 -10.83
N SER A 385 -12.33 -19.19 -10.97
CA SER A 385 -12.68 -20.31 -11.82
C SER A 385 -13.95 -20.99 -11.33
N LEU A 386 -14.09 -21.15 -10.02
CA LEU A 386 -15.31 -21.74 -9.48
C LEU A 386 -16.52 -20.87 -9.82
N MET A 387 -16.43 -19.56 -9.57
CA MET A 387 -17.55 -18.68 -9.82
C MET A 387 -17.95 -18.70 -11.29
N ASP A 388 -16.96 -18.71 -12.18
CA ASP A 388 -17.25 -18.81 -13.61
C ASP A 388 -18.02 -20.10 -13.92
N LYS A 389 -17.57 -21.22 -13.36
CA LYS A 389 -18.24 -22.49 -13.61
C LYS A 389 -19.66 -22.48 -13.06
N LEU A 390 -19.86 -21.86 -11.89
CA LEU A 390 -21.20 -21.77 -11.31
C LEU A 390 -22.11 -20.93 -12.19
N LEU A 391 -21.61 -19.81 -12.71
CA LEU A 391 -22.41 -18.99 -13.60
C LEU A 391 -22.74 -19.75 -14.88
N ARG A 392 -21.75 -20.42 -15.47
CA ARG A 392 -21.99 -21.22 -16.66
C ARG A 392 -23.01 -22.31 -16.37
N LYS A 393 -22.95 -22.91 -15.18
CA LYS A 393 -23.95 -23.89 -14.77
C LYS A 393 -25.36 -23.31 -14.87
N GLU A 394 -25.53 -22.05 -14.47
CA GLU A 394 -26.80 -21.34 -14.58
C GLU A 394 -27.01 -20.74 -15.97
N ASN A 395 -26.24 -21.21 -16.96
CA ASN A 395 -26.36 -20.75 -18.35
C ASN A 395 -26.06 -19.26 -18.48
N LEU A 396 -25.05 -18.78 -17.77
CA LEU A 396 -24.59 -17.41 -17.88
C LEU A 396 -23.08 -17.46 -18.12
N ASP A 397 -22.68 -17.26 -19.36
CA ASP A 397 -21.27 -17.20 -19.75
C ASP A 397 -20.92 -15.73 -19.92
N LEU A 398 -20.20 -15.17 -18.94
CA LEU A 398 -19.83 -13.77 -18.97
C LEU A 398 -18.43 -13.54 -19.54
N LYS A 399 -17.91 -14.53 -20.29
CA LYS A 399 -16.66 -14.35 -21.03
C LYS A 399 -15.51 -13.95 -20.11
N LEU A 400 -15.38 -14.66 -18.99
CA LEU A 400 -14.35 -14.39 -18.01
C LEU A 400 -13.05 -15.08 -18.38
N THR A 401 -11.99 -14.70 -17.69
CA THR A 401 -10.63 -15.19 -17.98
C THR A 401 -10.03 -15.74 -16.70
N PRO A 402 -10.49 -16.91 -16.25
CA PRO A 402 -9.87 -17.54 -15.07
C PRO A 402 -8.59 -18.25 -15.45
N TYR A 403 -7.53 -17.47 -15.68
CA TYR A 403 -6.28 -18.08 -16.08
C TYR A 403 -5.73 -18.95 -14.95
N LYS A 404 -5.00 -20.00 -15.32
CA LYS A 404 -4.51 -20.96 -14.35
C LYS A 404 -3.33 -20.40 -13.58
N VAL A 405 -3.26 -20.73 -12.29
CA VAL A 405 -2.17 -20.36 -11.42
C VAL A 405 -1.82 -21.57 -10.57
N LEU A 406 -0.53 -21.92 -10.51
CA LEU A 406 -0.09 -23.04 -9.67
C LEU A 406 1.21 -22.68 -8.98
N ALA A 407 1.19 -22.69 -7.65
CA ALA A 407 2.42 -22.59 -6.87
C ALA A 407 3.14 -23.93 -6.91
N THR A 408 4.41 -23.91 -7.28
CA THR A 408 5.25 -25.10 -7.23
C THR A 408 6.13 -25.11 -5.99
N SER A 409 6.09 -24.04 -5.21
CA SER A 409 6.71 -23.92 -3.90
C SER A 409 6.14 -22.66 -3.27
N THR A 410 6.57 -22.37 -2.05
CA THR A 410 6.19 -21.10 -1.45
C THR A 410 6.91 -19.92 -2.08
N LYS A 411 7.87 -20.16 -2.98
CA LYS A 411 8.67 -19.09 -3.56
C LYS A 411 8.75 -19.13 -5.08
N HIS A 412 8.01 -20.02 -5.75
CA HIS A 412 7.93 -19.98 -7.20
C HIS A 412 6.65 -20.64 -7.66
N GLY A 413 6.30 -20.41 -8.91
CA GLY A 413 5.08 -20.95 -9.48
C GLY A 413 4.84 -20.44 -10.88
N PHE A 414 3.77 -20.95 -11.48
CA PHE A 414 3.43 -20.70 -12.87
C PHE A 414 2.12 -19.94 -12.96
N MET A 415 1.98 -19.14 -14.00
CA MET A 415 0.69 -18.56 -14.38
C MET A 415 0.50 -18.74 -15.88
N GLN A 416 -0.72 -19.06 -16.28
CA GLN A 416 -1.07 -19.18 -17.69
C GLN A 416 -1.16 -17.79 -18.32
N PHE A 417 -0.34 -17.55 -19.35
CA PHE A 417 -0.29 -16.23 -19.97
C PHE A 417 -1.36 -16.09 -21.04
N ILE A 418 -2.15 -15.02 -20.94
CA ILE A 418 -3.23 -14.71 -21.86
C ILE A 418 -2.81 -13.50 -22.68
N GLN A 419 -2.81 -13.64 -24.01
CA GLN A 419 -2.47 -12.51 -24.87
C GLN A 419 -3.46 -11.38 -24.63
N SER A 420 -2.93 -10.20 -24.32
CA SER A 420 -3.72 -9.12 -23.75
C SER A 420 -2.89 -7.84 -23.73
N VAL A 421 -3.55 -6.73 -23.40
CA VAL A 421 -2.85 -5.46 -23.19
C VAL A 421 -3.41 -4.79 -21.95
N PRO A 422 -2.57 -4.25 -21.07
CA PRO A 422 -3.09 -3.51 -19.91
C PRO A 422 -3.82 -2.25 -20.35
N VAL A 423 -4.90 -1.93 -19.64
CA VAL A 423 -5.68 -0.75 -20.01
C VAL A 423 -4.83 0.52 -19.95
N ALA A 424 -3.90 0.58 -18.97
CA ALA A 424 -3.00 1.72 -18.91
C ALA A 424 -2.25 1.92 -20.22
N GLU A 425 -1.82 0.83 -20.84
CA GLU A 425 -1.13 0.93 -22.13
C GLU A 425 -2.09 1.33 -23.25
N VAL A 426 -3.33 0.84 -23.20
CA VAL A 426 -4.31 1.23 -24.22
C VAL A 426 -4.53 2.74 -24.19
N LEU A 427 -4.61 3.32 -22.99
CA LEU A 427 -4.82 4.76 -22.89
C LEU A 427 -3.57 5.52 -23.33
N ASP A 428 -2.40 4.98 -23.04
CA ASP A 428 -1.16 5.65 -23.43
C ASP A 428 -1.01 5.71 -24.94
N THR A 429 -1.44 4.67 -25.65
CA THR A 429 -1.18 4.54 -27.08
C THR A 429 -2.39 4.85 -27.95
N GLU A 430 -3.61 4.52 -27.50
CA GLU A 430 -4.79 4.76 -28.29
C GLU A 430 -5.72 5.82 -27.69
N GLY A 431 -5.50 6.24 -26.45
CA GLY A 431 -6.29 7.28 -25.83
C GLY A 431 -7.55 6.81 -25.13
N SER A 432 -8.17 5.73 -25.62
CA SER A 432 -9.43 5.28 -25.05
C SER A 432 -9.67 3.82 -25.42
N ILE A 433 -10.42 3.12 -24.55
CA ILE A 433 -10.80 1.75 -24.86
C ILE A 433 -11.62 1.70 -26.15
N GLN A 434 -12.46 2.71 -26.39
CA GLN A 434 -13.23 2.75 -27.61
C GLN A 434 -12.34 2.89 -28.84
N ASN A 435 -11.35 3.77 -28.78
CA ASN A 435 -10.41 3.89 -29.90
C ASN A 435 -9.69 2.56 -30.15
N PHE A 436 -9.34 1.85 -29.08
CA PHE A 436 -8.72 0.53 -29.20
C PHE A 436 -9.64 -0.43 -29.95
N PHE A 437 -10.90 -0.52 -29.52
CA PHE A 437 -11.84 -1.42 -30.18
C PHE A 437 -12.10 -1.01 -31.62
N ARG A 438 -12.17 0.29 -31.89
CA ARG A 438 -12.39 0.73 -33.27
C ARG A 438 -11.20 0.38 -34.16
N LYS A 439 -10.00 0.34 -33.60
CA LYS A 439 -8.81 0.01 -34.39
C LYS A 439 -8.77 -1.47 -34.74
N TYR A 440 -9.04 -2.34 -33.77
CA TYR A 440 -8.87 -3.77 -33.98
C TYR A 440 -10.18 -4.52 -34.19
N ALA A 441 -11.33 -3.86 -34.01
CA ALA A 441 -12.61 -4.51 -34.23
C ALA A 441 -13.61 -3.52 -34.81
N PRO A 442 -13.28 -2.85 -35.91
CA PRO A 442 -14.20 -1.85 -36.46
C PRO A 442 -15.44 -2.51 -37.04
N SER A 443 -16.56 -1.77 -36.97
CA SER A 443 -17.81 -2.22 -37.57
C SER A 443 -18.66 -1.00 -37.89
N GLU A 444 -18.97 -0.80 -39.18
CA GLU A 444 -19.73 0.37 -39.60
C GLU A 444 -21.03 0.51 -38.82
N ASN A 445 -21.82 -0.56 -38.77
CA ASN A 445 -23.16 -0.51 -38.17
C ASN A 445 -23.18 -0.91 -36.70
N GLY A 446 -22.02 -1.05 -36.06
CA GLY A 446 -21.95 -1.48 -34.68
C GLY A 446 -22.01 -0.32 -33.71
N PRO A 447 -22.18 -0.64 -32.42
CA PRO A 447 -22.25 0.43 -31.41
C PRO A 447 -20.97 1.26 -31.41
N ASN A 448 -21.12 2.54 -31.71
CA ASN A 448 -19.99 3.47 -31.77
C ASN A 448 -18.91 2.99 -32.72
N GLY A 449 -19.30 2.31 -33.80
CA GLY A 449 -18.36 1.84 -34.80
C GLY A 449 -17.57 0.62 -34.40
N ILE A 450 -18.03 -0.12 -33.41
CA ILE A 450 -17.31 -1.29 -32.89
C ILE A 450 -18.15 -2.53 -33.14
N SER A 451 -17.48 -3.65 -33.41
CA SER A 451 -18.15 -4.92 -33.60
C SER A 451 -19.12 -5.20 -32.45
N ALA A 452 -20.36 -5.52 -32.80
CA ALA A 452 -21.36 -5.80 -31.78
C ALA A 452 -20.96 -6.98 -30.90
N GLU A 453 -20.31 -8.00 -31.49
CA GLU A 453 -19.90 -9.16 -30.72
C GLU A 453 -18.80 -8.80 -29.73
N VAL A 454 -17.86 -7.94 -30.14
CA VAL A 454 -16.80 -7.50 -29.25
C VAL A 454 -17.39 -6.69 -28.10
N MET A 455 -18.34 -5.80 -28.40
CA MET A 455 -18.94 -4.98 -27.35
C MET A 455 -19.77 -5.85 -26.40
N ASP A 456 -20.50 -6.82 -26.94
CA ASP A 456 -21.24 -7.74 -26.08
C ASP A 456 -20.30 -8.46 -25.13
N THR A 457 -19.15 -8.90 -25.63
CA THR A 457 -18.16 -9.59 -24.80
C THR A 457 -17.58 -8.66 -23.75
N TYR A 458 -17.35 -7.40 -24.14
CA TYR A 458 -16.85 -6.41 -23.20
C TYR A 458 -17.84 -6.14 -22.08
N VAL A 459 -19.10 -5.90 -22.43
CA VAL A 459 -20.12 -5.61 -21.42
C VAL A 459 -20.23 -6.78 -20.44
N LYS A 460 -20.28 -8.00 -20.96
CA LYS A 460 -20.45 -9.16 -20.10
C LYS A 460 -19.26 -9.33 -19.15
N SER A 461 -18.04 -9.21 -19.68
CA SER A 461 -16.86 -9.44 -18.83
C SER A 461 -16.69 -8.32 -17.81
N CYS A 462 -16.98 -7.07 -18.19
CA CYS A 462 -17.01 -6.00 -17.20
C CYS A 462 -17.99 -6.33 -16.08
N ALA A 463 -19.17 -6.82 -16.43
CA ALA A 463 -20.18 -7.14 -15.41
C ALA A 463 -19.69 -8.27 -14.51
N GLY A 464 -19.21 -9.35 -15.10
CA GLY A 464 -18.69 -10.46 -14.29
C GLY A 464 -17.62 -10.02 -13.33
N TYR A 465 -16.61 -9.29 -13.81
CA TYR A 465 -15.52 -8.90 -12.93
C TYR A 465 -15.94 -7.81 -11.94
N CYS A 466 -16.88 -6.94 -12.31
CA CYS A 466 -17.43 -6.01 -11.33
C CYS A 466 -18.00 -6.76 -10.13
N VAL A 467 -18.84 -7.76 -10.38
CA VAL A 467 -19.49 -8.44 -9.27
C VAL A 467 -18.49 -9.30 -8.51
N ILE A 468 -17.59 -9.97 -9.23
CA ILE A 468 -16.67 -10.92 -8.60
C ILE A 468 -15.65 -10.18 -7.76
N THR A 469 -15.02 -9.13 -8.33
CA THR A 469 -14.04 -8.38 -7.53
C THR A 469 -14.71 -7.63 -6.38
N TYR A 470 -16.01 -7.30 -6.49
CA TYR A 470 -16.71 -6.72 -5.35
C TYR A 470 -16.87 -7.76 -4.24
N ILE A 471 -17.31 -8.97 -4.58
CA ILE A 471 -17.50 -10.01 -3.57
C ILE A 471 -16.18 -10.33 -2.88
N LEU A 472 -15.10 -10.42 -3.65
CA LEU A 472 -13.80 -10.80 -3.10
C LEU A 472 -13.05 -9.61 -2.50
N GLY A 473 -13.59 -8.41 -2.59
CA GLY A 473 -12.95 -7.25 -1.99
C GLY A 473 -11.57 -6.95 -2.55
N VAL A 474 -11.41 -7.08 -3.87
CA VAL A 474 -10.10 -6.93 -4.48
C VAL A 474 -9.69 -5.46 -4.49
N GLY A 475 -8.49 -5.18 -3.95
CA GLY A 475 -7.95 -3.85 -3.93
C GLY A 475 -6.84 -3.65 -4.94
N ASP A 476 -6.19 -2.48 -4.83
CA ASP A 476 -5.05 -2.15 -5.70
C ASP A 476 -5.45 -2.21 -7.18
N ARG A 477 -6.62 -1.65 -7.51
CA ARG A 477 -7.14 -1.71 -8.87
C ARG A 477 -6.69 -0.47 -9.64
N HIS A 478 -5.47 -0.52 -10.14
CA HIS A 478 -4.99 0.48 -11.08
C HIS A 478 -5.04 -0.08 -12.49
N LEU A 479 -4.77 0.77 -13.47
CA LEU A 479 -4.99 0.40 -14.86
C LEU A 479 -3.92 -0.53 -15.42
N ASP A 480 -2.89 -0.86 -14.63
CA ASP A 480 -1.95 -1.89 -15.02
C ASP A 480 -2.44 -3.29 -14.64
N ASN A 481 -3.45 -3.38 -13.76
CA ASN A 481 -4.02 -4.65 -13.32
C ASN A 481 -5.34 -4.96 -14.02
N LEU A 482 -5.76 -4.12 -14.94
CA LEU A 482 -6.93 -4.34 -15.77
C LEU A 482 -6.45 -4.60 -17.19
N LEU A 483 -6.75 -5.77 -17.71
CA LEU A 483 -6.23 -6.20 -19.01
C LEU A 483 -7.36 -6.40 -19.99
N LEU A 484 -7.06 -6.20 -21.27
CA LEU A 484 -8.04 -6.20 -22.34
C LEU A 484 -7.52 -7.03 -23.51
N THR A 485 -8.43 -7.76 -24.16
CA THR A 485 -8.12 -8.46 -25.39
C THR A 485 -8.81 -7.80 -26.57
N LYS A 486 -8.33 -8.12 -27.78
CA LYS A 486 -8.91 -7.56 -28.99
C LYS A 486 -10.26 -8.16 -29.32
N THR A 487 -10.63 -9.28 -28.70
CA THR A 487 -11.97 -9.82 -28.83
C THR A 487 -12.95 -9.22 -27.83
N GLY A 488 -12.49 -8.30 -26.97
CA GLY A 488 -13.36 -7.57 -26.08
C GLY A 488 -13.37 -8.05 -24.64
N LYS A 489 -12.57 -9.06 -24.30
CA LYS A 489 -12.54 -9.54 -22.92
C LYS A 489 -11.74 -8.59 -22.04
N LEU A 490 -12.37 -8.13 -20.96
CA LEU A 490 -11.68 -7.43 -19.89
C LEU A 490 -11.53 -8.39 -18.72
N PHE A 491 -10.34 -8.41 -18.11
CA PHE A 491 -10.15 -9.24 -16.94
C PHE A 491 -9.13 -8.59 -16.01
N HIS A 492 -9.10 -9.06 -14.77
CA HIS A 492 -8.27 -8.54 -13.71
C HIS A 492 -7.09 -9.48 -13.45
N ILE A 493 -5.96 -8.89 -13.05
CA ILE A 493 -4.78 -9.64 -12.64
C ILE A 493 -4.27 -9.08 -11.31
N ASP A 494 -3.32 -9.81 -10.73
CA ASP A 494 -2.50 -9.35 -9.61
C ASP A 494 -3.34 -9.13 -8.36
N PHE A 495 -3.53 -10.19 -7.58
CA PHE A 495 -4.46 -10.15 -6.46
C PHE A 495 -3.73 -10.10 -5.12
N GLY A 496 -2.80 -9.17 -4.99
CA GLY A 496 -2.08 -8.96 -3.74
C GLY A 496 -2.88 -8.28 -2.65
N TYR A 497 -4.04 -7.69 -2.98
CA TYR A 497 -4.90 -7.03 -2.00
C TYR A 497 -6.32 -7.57 -2.17
N ILE A 498 -6.81 -8.31 -1.17
CA ILE A 498 -8.14 -8.91 -1.22
C ILE A 498 -8.83 -8.70 0.12
N LEU A 499 -10.13 -9.03 0.14
CA LEU A 499 -10.92 -9.01 1.37
C LEU A 499 -10.96 -7.61 1.99
N GLY A 500 -10.95 -6.58 1.16
CA GLY A 500 -11.07 -5.22 1.63
C GLY A 500 -9.76 -4.49 1.83
N ARG A 501 -8.62 -5.17 1.66
CA ARG A 501 -7.34 -4.51 1.79
C ARG A 501 -7.04 -3.67 0.57
N ASP A 502 -6.28 -2.59 0.77
CA ASP A 502 -5.93 -1.69 -0.31
C ASP A 502 -4.67 -0.93 0.08
N PRO A 503 -3.83 -0.55 -0.89
CA PRO A 503 -2.66 0.27 -0.54
C PRO A 503 -3.03 1.57 0.14
N LYS A 504 -4.05 2.27 -0.35
CA LYS A 504 -4.51 3.53 0.21
C LYS A 504 -5.69 3.29 1.14
N PRO A 505 -5.99 4.24 2.02
CA PRO A 505 -7.08 4.06 2.98
C PRO A 505 -8.45 4.30 2.35
N LEU A 506 -9.46 3.74 3.00
CA LEU A 506 -10.85 3.97 2.64
C LEU A 506 -11.16 3.61 1.19
N PRO A 507 -10.88 2.37 0.77
CA PRO A 507 -11.19 1.99 -0.61
C PRO A 507 -12.69 1.88 -0.80
N PRO A 508 -13.19 2.23 -1.99
CA PRO A 508 -14.64 2.15 -2.22
C PRO A 508 -15.07 0.71 -2.32
N PRO A 509 -16.29 0.38 -1.87
CA PRO A 509 -16.73 -1.02 -1.91
C PRO A 509 -16.76 -1.60 -3.31
N MET A 510 -17.01 -0.76 -4.31
CA MET A 510 -17.01 -1.19 -5.70
C MET A 510 -16.02 -0.33 -6.46
N LYS A 511 -15.04 -0.97 -7.08
CA LYS A 511 -13.93 -0.28 -7.72
C LYS A 511 -14.08 -0.42 -9.23
N LEU A 512 -14.81 0.51 -9.82
CA LEU A 512 -14.90 0.65 -11.27
C LEU A 512 -13.96 1.75 -11.73
N ASN A 513 -13.62 1.72 -13.01
CA ASN A 513 -12.78 2.73 -13.64
C ASN A 513 -13.61 3.61 -14.55
N LYS A 514 -13.38 4.92 -14.48
CA LYS A 514 -14.02 5.82 -15.45
C LYS A 514 -13.78 5.32 -16.87
N GLU A 515 -12.54 4.92 -17.16
CA GLU A 515 -12.21 4.42 -18.49
C GLU A 515 -13.02 3.18 -18.86
N MET A 516 -13.49 2.43 -17.86
CA MET A 516 -14.21 1.18 -18.10
C MET A 516 -15.65 1.45 -18.55
N VAL A 517 -16.35 2.35 -17.84
CA VAL A 517 -17.67 2.78 -18.30
C VAL A 517 -17.55 3.51 -19.63
N GLU A 518 -16.53 4.36 -19.77
CA GLU A 518 -16.33 5.04 -21.04
C GLU A 518 -16.10 4.05 -22.16
N GLY A 519 -15.49 2.90 -21.87
CA GLY A 519 -15.23 1.92 -22.91
C GLY A 519 -16.48 1.35 -23.53
N MET A 520 -17.58 1.31 -22.78
CA MET A 520 -18.83 0.77 -23.33
C MET A 520 -19.72 1.86 -23.91
N GLY A 521 -19.27 3.11 -23.93
CA GLY A 521 -20.04 4.20 -24.49
C GLY A 521 -20.56 5.20 -23.49
N GLY A 522 -20.16 5.11 -22.22
CA GLY A 522 -20.62 6.02 -21.20
C GLY A 522 -21.98 5.61 -20.64
N THR A 523 -22.39 6.32 -19.59
CA THR A 523 -23.67 6.00 -18.96
C THR A 523 -24.84 6.24 -19.91
N GLN A 524 -24.67 7.08 -20.92
CA GLN A 524 -25.74 7.38 -21.85
C GLN A 524 -25.98 6.26 -22.86
N SER A 525 -25.07 5.28 -22.94
N SER A 525 -25.08 5.29 -22.96
CA SER A 525 -25.23 4.19 -23.89
CA SER A 525 -25.24 4.21 -23.92
C SER A 525 -26.21 3.16 -23.38
C SER A 525 -26.20 3.15 -23.38
N GLU A 526 -26.85 2.44 -24.31
CA GLU A 526 -27.67 1.30 -23.91
C GLU A 526 -26.80 0.20 -23.32
N GLN A 527 -25.52 0.18 -23.68
CA GLN A 527 -24.60 -0.79 -23.09
C GLN A 527 -24.54 -0.66 -21.58
N TYR A 528 -24.68 0.56 -21.05
CA TYR A 528 -24.56 0.73 -19.61
C TYR A 528 -25.68 0.00 -18.88
N GLN A 529 -26.90 -0.01 -19.44
CA GLN A 529 -27.98 -0.76 -18.83
C GLN A 529 -27.79 -2.27 -19.03
N GLU A 530 -27.24 -2.69 -20.17
CA GLU A 530 -26.89 -4.09 -20.35
C GLU A 530 -25.89 -4.54 -19.29
N PHE A 531 -24.89 -3.70 -19.02
CA PHE A 531 -23.90 -3.98 -17.98
C PHE A 531 -24.56 -4.11 -16.62
N ARG A 532 -25.41 -3.14 -16.24
CA ARG A 532 -26.11 -3.23 -14.97
C ARG A 532 -26.92 -4.51 -14.88
N LYS A 533 -27.64 -4.85 -15.95
CA LYS A 533 -28.50 -6.04 -15.94
C LYS A 533 -27.68 -7.30 -15.73
N GLN A 534 -26.52 -7.40 -16.37
CA GLN A 534 -25.69 -8.59 -16.18
C GLN A 534 -25.09 -8.66 -14.77
N CYS A 535 -24.78 -7.50 -14.17
CA CYS A 535 -24.36 -7.49 -12.76
C CYS A 535 -25.46 -8.01 -11.85
N TYR A 536 -26.70 -7.55 -12.05
CA TYR A 536 -27.80 -8.06 -11.24
C TYR A 536 -27.89 -9.58 -11.33
N THR A 537 -27.91 -10.09 -12.55
CA THR A 537 -28.05 -11.53 -12.76
C THR A 537 -26.91 -12.31 -12.13
N ALA A 538 -25.67 -11.87 -12.35
CA ALA A 538 -24.53 -12.57 -11.76
C ALA A 538 -24.58 -12.54 -10.25
N PHE A 539 -24.93 -11.38 -9.68
CA PHE A 539 -25.02 -11.23 -8.23
C PHE A 539 -26.06 -12.17 -7.63
N LEU A 540 -27.24 -12.27 -8.26
CA LEU A 540 -28.27 -13.16 -7.74
C LEU A 540 -27.83 -14.63 -7.84
N HIS A 541 -27.14 -14.99 -8.93
CA HIS A 541 -26.68 -16.37 -9.09
C HIS A 541 -25.65 -16.73 -8.04
N LEU A 542 -24.66 -15.85 -7.82
CA LEU A 542 -23.61 -16.17 -6.86
C LEU A 542 -24.15 -16.18 -5.43
N ARG A 543 -25.13 -15.32 -5.13
CA ARG A 543 -25.80 -15.39 -3.83
C ARG A 543 -26.38 -16.77 -3.58
N ARG A 544 -26.91 -17.42 -4.60
CA ARG A 544 -27.54 -18.72 -4.41
C ARG A 544 -26.52 -19.80 -4.08
N TYR A 545 -25.25 -19.58 -4.39
CA TYR A 545 -24.18 -20.50 -4.01
C TYR A 545 -23.35 -19.96 -2.84
N SER A 546 -23.92 -19.06 -2.04
CA SER A 546 -23.15 -18.47 -0.94
C SER A 546 -22.71 -19.54 0.06
N ASN A 547 -23.56 -20.54 0.33
CA ASN A 547 -23.16 -21.59 1.26
C ASN A 547 -21.87 -22.26 0.82
N LEU A 548 -21.75 -22.56 -0.48
CA LEU A 548 -20.55 -23.22 -0.98
C LEU A 548 -19.34 -22.30 -0.91
N ILE A 549 -19.50 -21.07 -1.40
CA ILE A 549 -18.38 -20.15 -1.45
C ILE A 549 -17.87 -19.85 -0.03
N LEU A 550 -18.79 -19.65 0.91
CA LEU A 550 -18.39 -19.35 2.28
C LEU A 550 -17.75 -20.57 2.95
N ASN A 551 -18.28 -21.77 2.70
CA ASN A 551 -17.66 -22.97 3.23
C ASN A 551 -16.23 -23.13 2.73
N LEU A 552 -15.97 -22.75 1.48
CA LEU A 552 -14.62 -22.89 0.95
C LEU A 552 -13.67 -21.89 1.59
N PHE A 553 -14.15 -20.67 1.84
CA PHE A 553 -13.31 -19.73 2.58
C PHE A 553 -13.12 -20.18 4.03
N SER A 554 -14.13 -20.79 4.64
N SER A 554 -14.13 -20.81 4.62
CA SER A 554 -13.95 -21.25 6.02
CA SER A 554 -14.02 -21.29 6.00
C SER A 554 -12.83 -22.27 6.12
C SER A 554 -12.95 -22.37 6.15
N LEU A 555 -12.62 -23.08 5.06
CA LEU A 555 -11.55 -24.05 5.09
C LEU A 555 -10.17 -23.43 4.86
N MET A 556 -10.11 -22.13 4.52
CA MET A 556 -8.86 -21.44 4.26
C MET A 556 -8.42 -20.55 5.42
N VAL A 557 -9.16 -20.49 6.53
CA VAL A 557 -8.92 -19.44 7.51
C VAL A 557 -7.58 -19.62 8.23
N ASP A 558 -7.04 -20.83 8.29
CA ASP A 558 -5.73 -21.06 8.90
C ASP A 558 -4.62 -21.17 7.88
N ALA A 559 -4.88 -20.80 6.63
CA ALA A 559 -3.89 -20.94 5.59
C ALA A 559 -2.88 -19.79 5.64
N ASN A 560 -1.68 -20.06 5.12
N ASN A 560 -1.68 -20.05 5.13
CA ASN A 560 -0.62 -19.07 5.01
CA ASN A 560 -0.64 -19.03 5.07
C ASN A 560 -0.85 -18.18 3.79
C ASN A 560 -0.84 -18.18 3.81
N ILE A 561 -1.94 -17.43 3.83
CA ILE A 561 -2.33 -16.49 2.78
C ILE A 561 -2.34 -15.10 3.42
N PRO A 562 -1.54 -14.15 2.92
CA PRO A 562 -1.34 -12.90 3.68
C PRO A 562 -2.62 -12.19 4.14
N ASP A 563 -3.55 -11.93 3.23
CA ASP A 563 -4.72 -11.14 3.62
C ASP A 563 -5.74 -11.95 4.42
N ILE A 564 -5.57 -13.26 4.52
CA ILE A 564 -6.36 -14.08 5.43
C ILE A 564 -5.72 -14.14 6.81
N ALA A 565 -4.41 -14.41 6.84
CA ALA A 565 -3.71 -14.53 8.12
C ALA A 565 -3.73 -13.24 8.93
N LEU A 566 -3.97 -12.10 8.28
CA LEU A 566 -4.11 -10.85 9.01
C LEU A 566 -5.23 -10.94 10.03
N GLU A 567 -6.38 -11.48 9.63
CA GLU A 567 -7.56 -11.56 10.50
C GLU A 567 -8.32 -12.84 10.18
N PRO A 568 -7.80 -13.99 10.64
CA PRO A 568 -8.45 -15.25 10.27
C PRO A 568 -9.89 -15.36 10.74
N ASP A 569 -10.18 -14.91 11.97
CA ASP A 569 -11.52 -15.04 12.53
C ASP A 569 -12.53 -14.11 11.86
N LYS A 570 -12.08 -13.14 11.08
CA LYS A 570 -12.97 -12.19 10.41
C LYS A 570 -13.09 -12.47 8.92
N THR A 571 -12.40 -13.48 8.40
CA THR A 571 -12.25 -13.64 6.96
C THR A 571 -13.58 -14.02 6.29
N VAL A 572 -14.27 -15.02 6.83
CA VAL A 572 -15.49 -15.48 6.16
C VAL A 572 -16.55 -14.39 6.18
N LYS A 573 -16.66 -13.67 7.30
CA LYS A 573 -17.66 -12.60 7.40
C LYS A 573 -17.42 -11.50 6.36
N LYS A 574 -16.16 -11.23 6.01
CA LYS A 574 -15.88 -10.21 5.01
C LYS A 574 -16.47 -10.58 3.66
N VAL A 575 -16.46 -11.87 3.31
CA VAL A 575 -17.10 -12.31 2.08
C VAL A 575 -18.61 -12.37 2.25
N GLN A 576 -19.06 -12.93 3.37
CA GLN A 576 -20.49 -13.10 3.62
C GLN A 576 -21.24 -11.77 3.51
N ASP A 577 -20.67 -10.70 4.07
CA ASP A 577 -21.35 -9.41 4.06
C ASP A 577 -21.61 -8.92 2.65
N LYS A 578 -20.70 -9.21 1.72
CA LYS A 578 -20.87 -8.75 0.34
C LYS A 578 -22.10 -9.35 -0.32
N PHE A 579 -22.52 -10.54 0.11
CA PHE A 579 -23.68 -11.18 -0.48
C PHE A 579 -24.98 -10.49 -0.08
N ARG A 580 -24.96 -9.66 0.96
CA ARG A 580 -26.17 -9.03 1.51
C ARG A 580 -27.30 -10.03 1.66
N LEU A 581 -27.01 -11.14 2.35
CA LEU A 581 -28.00 -12.19 2.53
C LEU A 581 -29.18 -11.74 3.38
N ASP A 582 -29.08 -10.58 4.02
CA ASP A 582 -30.23 -10.01 4.73
C ASP A 582 -31.28 -9.48 3.77
N LEU A 583 -30.93 -9.28 2.50
CA LEU A 583 -31.83 -8.71 1.51
C LEU A 583 -32.45 -9.80 0.65
N SER A 584 -33.72 -9.60 0.29
CA SER A 584 -34.35 -10.45 -0.70
C SER A 584 -33.73 -10.19 -2.07
N ASP A 585 -34.08 -11.06 -3.03
CA ASP A 585 -33.57 -10.89 -4.40
C ASP A 585 -33.92 -9.51 -4.93
N GLU A 586 -35.16 -9.07 -4.76
CA GLU A 586 -35.56 -7.76 -5.27
C GLU A 586 -34.81 -6.63 -4.57
N GLU A 587 -34.65 -6.74 -3.25
CA GLU A 587 -33.88 -5.74 -2.52
C GLU A 587 -32.40 -5.78 -2.90
N ALA A 588 -31.87 -6.98 -3.19
CA ALA A 588 -30.48 -7.10 -3.56
C ALA A 588 -30.21 -6.47 -4.93
N VAL A 589 -31.15 -6.58 -5.86
CA VAL A 589 -31.01 -5.92 -7.16
C VAL A 589 -31.01 -4.41 -6.98
N HIS A 590 -31.96 -3.88 -6.19
CA HIS A 590 -31.98 -2.47 -5.85
C HIS A 590 -30.66 -2.03 -5.25
N TYR A 591 -30.11 -2.81 -4.32
CA TYR A 591 -28.85 -2.45 -3.68
C TYR A 591 -27.70 -2.43 -4.68
N MET A 592 -27.64 -3.45 -5.55
CA MET A 592 -26.57 -3.50 -6.54
C MET A 592 -26.70 -2.36 -7.55
N GLN A 593 -27.92 -2.06 -7.99
CA GLN A 593 -28.13 -0.89 -8.85
C GLN A 593 -27.56 0.36 -8.20
N SER A 594 -27.95 0.64 -6.96
CA SER A 594 -27.49 1.85 -6.29
C SER A 594 -25.98 1.85 -6.12
N LEU A 595 -25.39 0.68 -5.85
CA LEU A 595 -23.94 0.60 -5.69
C LEU A 595 -23.23 0.94 -6.99
N ILE A 596 -23.69 0.38 -8.11
CA ILE A 596 -23.06 0.66 -9.40
C ILE A 596 -23.23 2.13 -9.76
N ASP A 597 -24.46 2.63 -9.68
CA ASP A 597 -24.70 4.02 -10.06
C ASP A 597 -23.90 4.97 -9.18
N GLU A 598 -23.89 4.74 -7.86
CA GLU A 598 -23.14 5.60 -6.96
C GLU A 598 -21.65 5.58 -7.29
N SER A 599 -21.11 4.41 -7.63
N SER A 599 -21.11 4.40 -7.61
CA SER A 599 -19.70 4.33 -7.97
CA SER A 599 -19.70 4.31 -7.97
C SER A 599 -19.41 5.02 -9.30
C SER A 599 -19.43 5.04 -9.28
N VAL A 600 -20.32 4.90 -10.26
CA VAL A 600 -20.15 5.58 -11.53
C VAL A 600 -20.30 7.09 -11.36
N HIS A 601 -21.32 7.50 -10.61
CA HIS A 601 -21.52 8.93 -10.37
C HIS A 601 -20.29 9.54 -9.71
N ALA A 602 -19.74 8.88 -8.69
CA ALA A 602 -18.56 9.40 -8.01
C ALA A 602 -17.37 9.53 -8.95
N LEU A 603 -17.34 8.77 -10.05
CA LEU A 603 -16.22 8.84 -10.97
C LEU A 603 -16.26 10.10 -11.82
N PHE A 604 -17.45 10.59 -12.13
CA PHE A 604 -17.59 11.75 -13.01
C PHE A 604 -18.10 12.98 -12.25
N SER B 15 6.61 29.03 51.55
CA SER B 15 5.39 29.10 50.77
C SER B 15 5.42 28.00 49.69
N ASP B 16 5.12 26.79 50.13
CA ASP B 16 5.31 25.53 49.39
C ASP B 16 6.42 25.61 48.35
N HIS B 17 7.60 26.05 48.75
CA HIS B 17 8.77 26.05 47.87
C HIS B 17 10.00 25.57 48.65
N ASP B 18 10.99 25.10 47.91
CA ASP B 18 12.27 24.67 48.46
C ASP B 18 13.36 25.20 47.54
N LEU B 19 14.34 25.89 48.13
CA LEU B 19 15.43 26.48 47.37
C LEU B 19 16.69 25.61 47.34
N LYS B 20 16.68 24.47 48.03
CA LYS B 20 17.91 23.70 48.28
C LYS B 20 17.67 22.22 48.01
N PRO B 21 17.61 21.81 46.74
CA PRO B 21 17.49 20.38 46.45
C PRO B 21 18.80 19.65 46.73
N ASN B 22 18.68 18.45 47.29
CA ASN B 22 19.87 17.65 47.52
C ASN B 22 20.33 16.98 46.22
N ALA B 23 21.50 16.36 46.27
CA ALA B 23 22.09 15.76 45.07
C ALA B 23 21.12 14.80 44.40
N ALA B 24 20.40 14.01 45.20
CA ALA B 24 19.46 13.05 44.62
C ALA B 24 18.32 13.77 43.90
N THR B 25 17.80 14.84 44.50
CA THR B 25 16.71 15.58 43.87
C THR B 25 17.19 16.31 42.62
N ARG B 26 18.39 16.91 42.69
CA ARG B 26 18.95 17.56 41.51
C ARG B 26 19.07 16.58 40.35
N ASP B 27 19.50 15.34 40.62
CA ASP B 27 19.57 14.34 39.56
C ASP B 27 18.18 14.01 39.02
N GLN B 28 17.19 13.90 39.91
CA GLN B 28 15.83 13.64 39.46
C GLN B 28 15.31 14.78 38.60
N LEU B 29 15.55 16.03 39.00
CA LEU B 29 15.10 17.17 38.22
C LEU B 29 15.80 17.23 36.87
N ASN B 30 17.10 16.90 36.84
CA ASN B 30 17.81 16.88 35.57
C ASN B 30 17.19 15.89 34.60
N ILE B 31 16.74 14.72 35.09
CA ILE B 31 16.10 13.75 34.22
C ILE B 31 14.79 14.30 33.68
N ILE B 32 13.97 14.89 34.55
CA ILE B 32 12.70 15.45 34.12
C ILE B 32 12.91 16.53 33.07
N VAL B 33 13.88 17.43 33.30
CA VAL B 33 14.11 18.52 32.37
C VAL B 33 14.58 18.00 31.02
N SER B 34 15.23 16.84 30.99
N SER B 34 15.22 16.83 30.98
CA SER B 34 15.70 16.25 29.74
CA SER B 34 15.70 16.25 29.74
C SER B 34 14.59 15.55 28.96
C SER B 34 14.61 15.51 28.97
N TYR B 35 13.40 15.40 29.53
CA TYR B 35 12.32 14.70 28.83
C TYR B 35 12.04 15.33 27.48
N PRO B 36 11.63 14.53 26.49
CA PRO B 36 11.15 15.07 25.22
C PRO B 36 9.92 15.94 25.44
N PRO B 37 9.58 16.82 24.49
CA PRO B 37 8.58 17.85 24.77
C PRO B 37 7.16 17.35 24.97
N THR B 38 6.77 16.21 24.41
CA THR B 38 5.39 15.73 24.57
C THR B 38 5.28 14.56 25.53
N LYS B 39 6.33 14.25 26.28
CA LYS B 39 6.23 13.23 27.33
C LYS B 39 5.46 13.78 28.53
N GLN B 40 4.41 13.07 28.93
CA GLN B 40 3.59 13.49 30.06
C GLN B 40 4.35 13.30 31.37
N LEU B 41 4.28 14.33 32.23
CA LEU B 41 4.85 14.25 33.57
C LEU B 41 3.88 13.58 34.52
N THR B 42 4.40 12.73 35.40
CA THR B 42 3.55 12.15 36.45
C THR B 42 3.17 13.23 37.47
N TYR B 43 2.18 12.91 38.30
CA TYR B 43 1.78 13.86 39.32
C TYR B 43 2.90 14.13 40.31
N GLU B 44 3.69 13.10 40.63
CA GLU B 44 4.83 13.31 41.53
C GLU B 44 5.89 14.18 40.88
N GLU B 45 6.10 14.02 39.57
CA GLU B 45 7.07 14.85 38.87
C GLU B 45 6.59 16.30 38.79
N GLN B 46 5.29 16.51 38.54
CA GLN B 46 4.74 17.86 38.56
C GLN B 46 4.88 18.48 39.94
N ASP B 47 4.59 17.72 41.00
CA ASP B 47 4.77 18.24 42.35
C ASP B 47 6.23 18.65 42.59
N LEU B 48 7.17 17.86 42.07
CA LEU B 48 8.58 18.17 42.31
C LEU B 48 9.01 19.42 41.56
N VAL B 49 8.60 19.55 40.29
CA VAL B 49 8.97 20.73 39.52
C VAL B 49 8.38 21.99 40.17
N TRP B 50 7.12 21.90 40.60
CA TRP B 50 6.51 23.05 41.26
C TRP B 50 7.24 23.41 42.55
N LYS B 51 7.49 22.40 43.39
CA LYS B 51 8.18 22.63 44.66
C LYS B 51 9.51 23.38 44.44
N PHE B 52 10.27 22.98 43.43
CA PHE B 52 11.59 23.54 43.20
C PHE B 52 11.60 24.59 42.09
N ARG B 53 10.45 25.25 41.87
CA ARG B 53 10.34 26.20 40.75
C ARG B 53 11.36 27.32 40.87
N TYR B 54 11.61 27.83 42.07
CA TYR B 54 12.56 28.92 42.21
C TYR B 54 13.99 28.47 41.95
N TYR B 55 14.28 27.19 42.17
CA TYR B 55 15.62 26.67 41.89
C TYR B 55 15.86 26.52 40.39
N LEU B 56 14.80 26.33 39.61
CA LEU B 56 14.90 26.04 38.19
C LEU B 56 14.91 27.27 37.30
N THR B 57 14.78 28.48 37.87
CA THR B 57 14.60 29.66 37.04
C THR B 57 15.83 30.00 36.19
N ASN B 58 17.00 29.49 36.54
CA ASN B 58 18.19 29.74 35.72
C ASN B 58 18.45 28.64 34.72
N GLN B 59 17.51 27.71 34.54
CA GLN B 59 17.59 26.67 33.53
C GLN B 59 16.54 26.96 32.46
N GLU B 60 16.99 27.48 31.32
CA GLU B 60 16.04 27.79 30.24
C GLU B 60 15.31 26.54 29.76
N LYS B 61 15.95 25.38 29.85
CA LYS B 61 15.30 24.14 29.43
C LYS B 61 14.22 23.66 30.39
N ALA B 62 14.16 24.19 31.61
CA ALA B 62 13.17 23.76 32.59
C ALA B 62 11.85 24.49 32.47
N LEU B 63 11.81 25.60 31.72
CA LEU B 63 10.61 26.43 31.71
C LEU B 63 9.41 25.68 31.14
N THR B 64 9.60 24.98 30.02
CA THR B 64 8.47 24.23 29.45
C THR B 64 7.94 23.21 30.44
N LYS B 65 8.84 22.53 31.16
CA LYS B 65 8.38 21.57 32.17
C LYS B 65 7.59 22.25 33.26
N PHE B 66 8.05 23.43 33.70
CA PHE B 66 7.32 24.16 34.74
C PHE B 66 5.92 24.53 34.27
N LEU B 67 5.82 25.08 33.05
CA LEU B 67 4.52 25.49 32.55
C LEU B 67 3.57 24.31 32.37
N LYS B 68 4.11 23.11 32.14
CA LYS B 68 3.29 21.91 32.02
C LYS B 68 2.76 21.42 33.37
N CYS B 69 3.36 21.84 34.48
N CYS B 69 3.36 21.85 34.47
CA CYS B 69 2.88 21.44 35.80
CA CYS B 69 2.93 21.46 35.80
C CYS B 69 1.77 22.32 36.32
C CYS B 69 1.95 22.44 36.42
N VAL B 70 1.48 23.43 35.65
CA VAL B 70 0.56 24.44 36.16
C VAL B 70 -0.87 24.07 35.80
N ASN B 71 -1.77 24.18 36.78
CA ASN B 71 -3.21 24.09 36.55
C ASN B 71 -3.68 25.47 36.11
N TRP B 72 -3.82 25.66 34.79
CA TRP B 72 -4.13 26.97 34.24
C TRP B 72 -5.59 27.38 34.43
N ASP B 73 -6.42 26.49 34.96
CA ASP B 73 -7.82 26.82 35.24
C ASP B 73 -8.04 27.24 36.68
N LEU B 74 -6.98 27.34 37.48
CA LEU B 74 -7.06 27.90 38.83
C LEU B 74 -6.44 29.28 38.82
N PRO B 75 -7.21 30.35 39.06
CA PRO B 75 -6.71 31.70 38.77
C PRO B 75 -5.44 32.08 39.53
N GLN B 76 -5.33 31.76 40.82
CA GLN B 76 -4.15 32.20 41.56
C GLN B 76 -2.93 31.37 41.23
N GLU B 77 -3.09 30.09 40.91
CA GLU B 77 -1.96 29.31 40.44
C GLU B 77 -1.44 29.87 39.12
N ALA B 78 -2.34 30.27 38.23
CA ALA B 78 -1.92 30.88 36.97
C ALA B 78 -1.20 32.19 37.21
N LYS B 79 -1.69 33.00 38.16
CA LYS B 79 -1.06 34.28 38.44
C LYS B 79 0.39 34.08 38.89
N GLN B 80 0.62 33.14 39.80
CA GLN B 80 1.98 32.90 40.27
C GLN B 80 2.86 32.32 39.15
N ALA B 81 2.30 31.39 38.37
CA ALA B 81 3.05 30.83 37.25
C ALA B 81 3.47 31.92 36.26
N LEU B 82 2.57 32.87 35.99
CA LEU B 82 2.92 33.92 35.03
C LEU B 82 3.94 34.89 35.63
N GLU B 83 3.94 35.08 36.95
CA GLU B 83 4.98 35.89 37.58
C GLU B 83 6.35 35.24 37.41
N LEU B 84 6.43 33.92 37.61
CA LEU B 84 7.70 33.23 37.42
C LEU B 84 8.11 33.19 35.96
N LEU B 85 7.14 33.05 35.06
CA LEU B 85 7.42 33.13 33.62
C LEU B 85 8.20 34.38 33.28
N GLY B 86 7.80 35.53 33.85
CA GLY B 86 8.48 36.77 33.56
C GLY B 86 9.90 36.83 34.08
N LYS B 87 10.20 36.08 35.15
CA LYS B 87 11.52 36.09 35.76
C LYS B 87 12.43 34.97 35.26
N TRP B 88 11.88 34.01 34.51
CA TRP B 88 12.66 32.85 34.09
C TRP B 88 13.72 33.23 33.05
N LYS B 89 14.83 32.51 33.08
CA LYS B 89 15.80 32.60 32.00
C LYS B 89 15.09 32.31 30.68
N PRO B 90 15.12 33.22 29.71
CA PRO B 90 14.28 33.07 28.51
C PRO B 90 14.60 31.80 27.74
N MET B 91 13.55 31.11 27.29
CA MET B 91 13.74 29.84 26.61
C MET B 91 14.15 30.04 25.16
N ASP B 92 14.85 29.05 24.62
CA ASP B 92 15.31 29.08 23.24
C ASP B 92 14.12 29.06 22.26
N VAL B 93 14.37 29.55 21.06
CA VAL B 93 13.34 29.57 20.01
C VAL B 93 12.82 28.17 19.75
N GLU B 94 13.73 27.19 19.68
CA GLU B 94 13.32 25.83 19.34
C GLU B 94 12.35 25.27 20.37
N ASP B 95 12.44 25.71 21.62
CA ASP B 95 11.55 25.23 22.66
C ASP B 95 10.25 26.02 22.75
N SER B 96 10.25 27.28 22.28
CA SER B 96 9.04 28.08 22.31
C SER B 96 7.95 27.54 21.40
N LEU B 97 8.33 26.79 20.35
CA LEU B 97 7.34 26.15 19.49
C LEU B 97 6.40 25.26 20.29
N GLU B 98 6.89 24.66 21.38
CA GLU B 98 6.02 23.83 22.22
C GLU B 98 4.85 24.61 22.79
N LEU B 99 5.05 25.90 23.09
CA LEU B 99 4.00 26.69 23.72
C LEU B 99 2.91 27.11 22.74
N LEU B 100 3.09 26.85 21.45
CA LEU B 100 2.07 27.16 20.45
C LEU B 100 1.22 25.95 20.08
N SER B 101 1.51 24.80 20.66
CA SER B 101 0.73 23.60 20.39
C SER B 101 -0.65 23.70 21.05
N SER B 102 -1.48 22.69 20.81
CA SER B 102 -2.84 22.72 21.34
C SER B 102 -2.88 22.61 22.85
N HIS B 103 -1.80 22.17 23.48
CA HIS B 103 -1.83 22.00 24.94
C HIS B 103 -2.02 23.33 25.66
N TYR B 104 -1.57 24.44 25.06
CA TYR B 104 -1.50 25.71 25.76
C TYR B 104 -2.62 26.63 25.30
N THR B 105 -3.47 27.03 26.24
CA THR B 105 -4.57 27.95 26.00
C THR B 105 -4.39 29.30 26.66
N ASN B 106 -3.50 29.41 27.64
CA ASN B 106 -3.34 30.67 28.36
C ASN B 106 -2.79 31.73 27.41
N PRO B 107 -3.44 32.89 27.29
CA PRO B 107 -2.98 33.89 26.30
C PRO B 107 -1.61 34.45 26.60
N THR B 108 -1.27 34.66 27.87
CA THR B 108 0.06 35.19 28.20
C THR B 108 1.15 34.20 27.79
N VAL B 109 0.93 32.91 28.05
CA VAL B 109 1.89 31.89 27.63
C VAL B 109 2.07 31.93 26.12
N ARG B 110 0.97 31.99 25.37
CA ARG B 110 1.07 31.99 23.92
C ARG B 110 1.70 33.27 23.40
N ARG B 111 1.45 34.41 24.05
CA ARG B 111 2.14 35.64 23.69
C ARG B 111 3.64 35.54 23.99
N TYR B 112 4.00 34.87 25.08
CA TYR B 112 5.40 34.68 25.40
C TYR B 112 6.11 33.88 24.32
N ALA B 113 5.46 32.83 23.83
CA ALA B 113 6.02 32.05 22.73
C ALA B 113 6.32 32.96 21.53
N VAL B 114 5.39 33.84 21.20
CA VAL B 114 5.60 34.73 20.05
C VAL B 114 6.76 35.68 20.33
N ALA B 115 6.86 36.18 21.56
CA ALA B 115 7.98 37.06 21.90
C ALA B 115 9.31 36.35 21.69
N ARG B 116 9.38 35.05 21.98
CA ARG B 116 10.62 34.31 21.75
C ARG B 116 10.87 34.10 20.26
N LEU B 117 9.82 33.81 19.49
CA LEU B 117 9.96 33.70 18.04
C LEU B 117 10.43 35.02 17.43
N ARG B 118 10.07 36.15 18.03
CA ARG B 118 10.55 37.43 17.53
C ARG B 118 12.07 37.46 17.44
N GLN B 119 12.75 36.66 18.27
CA GLN B 119 14.22 36.63 18.28
C GLN B 119 14.79 35.82 17.12
N ALA B 120 13.99 34.99 16.46
CA ALA B 120 14.49 34.20 15.35
C ALA B 120 14.67 35.07 14.11
N ASP B 121 15.72 34.81 13.35
CA ASP B 121 15.88 35.56 12.11
C ASP B 121 14.97 34.96 11.03
N ASP B 122 14.87 35.68 9.91
CA ASP B 122 13.93 35.30 8.86
C ASP B 122 14.24 33.92 8.29
N GLU B 123 15.53 33.57 8.19
CA GLU B 123 15.89 32.29 7.63
C GLU B 123 15.40 31.14 8.51
N ASP B 124 15.53 31.29 9.83
CA ASP B 124 15.01 30.27 10.74
C ASP B 124 13.49 30.25 10.73
N LEU B 125 12.86 31.43 10.74
CA LEU B 125 11.41 31.49 10.73
C LEU B 125 10.84 30.77 9.52
N LEU B 126 11.49 30.92 8.36
CA LEU B 126 11.02 30.24 7.16
C LEU B 126 11.03 28.73 7.33
N MET B 127 12.00 28.20 8.09
N MET B 127 11.99 28.18 8.08
CA MET B 127 12.08 26.77 8.33
CA MET B 127 12.01 26.73 8.23
C MET B 127 10.89 26.25 9.11
C MET B 127 10.96 26.22 9.21
N TYR B 128 10.28 27.10 9.93
CA TYR B 128 9.18 26.71 10.81
C TYR B 128 7.81 27.16 10.30
N LEU B 129 7.76 27.89 9.18
CA LEU B 129 6.54 28.62 8.84
C LEU B 129 5.38 27.69 8.53
N LEU B 130 5.65 26.58 7.84
N LEU B 130 5.64 26.58 7.83
CA LEU B 130 4.58 25.63 7.53
CA LEU B 130 4.59 25.63 7.52
C LEU B 130 3.86 25.17 8.78
C LEU B 130 3.86 25.20 8.79
N GLN B 131 4.62 24.87 9.84
CA GLN B 131 4.01 24.44 11.09
C GLN B 131 3.36 25.60 11.83
N LEU B 132 3.96 26.79 11.75
CA LEU B 132 3.36 27.94 12.42
C LEU B 132 2.00 28.28 11.82
N VAL B 133 1.82 28.05 10.52
CA VAL B 133 0.51 28.28 9.92
C VAL B 133 -0.50 27.27 10.45
N GLN B 134 -0.06 26.02 10.68
CA GLN B 134 -0.96 25.06 11.31
C GLN B 134 -1.30 25.47 12.72
N ALA B 135 -0.36 26.10 13.43
CA ALA B 135 -0.57 26.47 14.82
C ALA B 135 -1.60 27.57 14.99
N LEU B 136 -1.95 28.28 13.92
CA LEU B 136 -3.03 29.26 14.01
C LEU B 136 -4.33 28.62 14.47
N LYS B 137 -4.51 27.33 14.21
CA LYS B 137 -5.69 26.61 14.67
C LYS B 137 -5.86 26.69 16.19
N TYR B 138 -4.78 26.93 16.93
CA TYR B 138 -4.80 26.93 18.38
C TYR B 138 -4.85 28.33 18.96
N GLU B 139 -4.96 29.36 18.11
CA GLU B 139 -5.04 30.74 18.55
C GLU B 139 -6.48 31.14 18.82
N ASN B 140 -6.65 32.35 19.36
CA ASN B 140 -7.97 32.88 19.66
C ASN B 140 -8.60 33.38 18.36
N PHE B 141 -9.65 32.69 17.91
CA PHE B 141 -10.27 33.02 16.63
C PHE B 141 -10.91 34.40 16.65
N ASP B 142 -11.47 34.82 17.79
CA ASP B 142 -12.13 36.11 17.86
C ASP B 142 -11.13 37.25 17.74
N ASP B 143 -9.96 37.12 18.38
CA ASP B 143 -8.91 38.13 18.24
C ASP B 143 -8.52 38.29 16.78
N ILE B 144 -8.33 37.18 16.06
CA ILE B 144 -7.94 37.27 14.65
C ILE B 144 -8.99 38.02 13.86
N LYS B 145 -10.28 37.69 14.09
CA LYS B 145 -11.35 38.38 13.38
C LYS B 145 -11.40 39.86 13.74
N ASN B 146 -11.26 40.17 15.03
CA ASN B 146 -11.43 41.55 15.47
C ASN B 146 -10.27 42.46 15.05
N GLY B 147 -9.15 41.90 14.61
CA GLY B 147 -8.09 42.71 14.05
C GLY B 147 -8.42 43.33 12.69
N LEU B 148 -9.54 42.95 12.10
CA LEU B 148 -9.94 43.46 10.80
C LEU B 148 -10.50 44.88 10.89
N GLU B 205 1.78 43.74 22.46
CA GLU B 205 2.10 42.31 22.46
C GLU B 205 1.35 41.59 21.34
N GLN B 206 2.12 41.02 20.42
CA GLN B 206 1.56 40.39 19.23
C GLN B 206 1.14 38.95 19.53
N ASP B 207 -0.01 38.56 18.99
CA ASP B 207 -0.34 37.14 18.87
C ASP B 207 0.31 36.57 17.62
N LEU B 208 0.07 35.29 17.35
CA LEU B 208 0.78 34.61 16.27
C LEU B 208 0.43 35.21 14.91
N CYS B 209 -0.87 35.41 14.65
CA CYS B 209 -1.31 35.96 13.37
C CYS B 209 -0.69 37.33 13.10
N THR B 210 -0.76 38.22 14.10
CA THR B 210 -0.19 39.55 13.95
C THR B 210 1.32 39.48 13.72
N PHE B 211 2.00 38.58 14.44
CA PHE B 211 3.44 38.44 14.29
C PHE B 211 3.82 37.96 12.89
N LEU B 212 3.14 36.91 12.40
CA LEU B 212 3.49 36.38 11.08
C LEU B 212 3.27 37.42 9.99
N ILE B 213 2.16 38.14 10.05
CA ILE B 213 1.89 39.17 9.05
C ILE B 213 2.94 40.28 9.13
N SER B 214 3.30 40.69 10.35
CA SER B 214 4.29 41.75 10.50
C SER B 214 5.63 41.34 9.91
N ARG B 215 6.05 40.10 10.13
CA ARG B 215 7.31 39.66 9.55
C ARG B 215 7.21 39.52 8.04
N ALA B 216 6.05 39.09 7.52
CA ALA B 216 5.88 38.99 6.07
C ALA B 216 5.93 40.36 5.41
N CYS B 217 5.45 41.39 6.10
CA CYS B 217 5.50 42.73 5.52
C CYS B 217 6.92 43.25 5.36
N LYS B 218 7.90 42.61 6.02
CA LYS B 218 9.29 43.01 5.94
C LYS B 218 10.15 42.03 5.15
N ASN B 219 9.59 40.96 4.63
CA ASN B 219 10.39 39.95 3.92
C ASN B 219 9.51 39.31 2.86
N SER B 220 9.82 39.55 1.59
CA SER B 220 8.97 39.09 0.50
C SER B 220 9.00 37.58 0.33
N THR B 221 10.06 36.92 0.78
CA THR B 221 10.07 35.46 0.75
C THR B 221 9.10 34.90 1.77
N LEU B 222 9.15 35.38 3.01
CA LEU B 222 8.17 34.99 4.00
C LEU B 222 6.75 35.31 3.52
N ALA B 223 6.57 36.49 2.92
CA ALA B 223 5.24 36.85 2.41
C ALA B 223 4.77 35.86 1.35
N ASN B 224 5.67 35.44 0.46
CA ASN B 224 5.29 34.48 -0.56
C ASN B 224 4.75 33.19 0.05
N TYR B 225 5.50 32.61 0.99
CA TYR B 225 5.09 31.33 1.54
C TYR B 225 3.90 31.48 2.48
N LEU B 226 3.84 32.58 3.25
CA LEU B 226 2.66 32.81 4.07
C LEU B 226 1.41 32.81 3.20
N TYR B 227 1.45 33.52 2.07
CA TYR B 227 0.30 33.57 1.18
C TYR B 227 -0.12 32.17 0.74
N TRP B 228 0.82 31.38 0.21
CA TRP B 228 0.43 30.10 -0.37
C TRP B 228 0.03 29.09 0.70
N TYR B 229 0.75 29.07 1.83
CA TYR B 229 0.34 28.19 2.92
C TYR B 229 -1.09 28.48 3.36
N VAL B 230 -1.44 29.76 3.47
CA VAL B 230 -2.77 30.11 3.98
C VAL B 230 -3.83 29.92 2.90
N ILE B 231 -3.51 30.23 1.63
CA ILE B 231 -4.52 30.05 0.59
C ILE B 231 -4.92 28.59 0.47
N VAL B 232 -3.97 27.67 0.71
CA VAL B 232 -4.32 26.25 0.68
C VAL B 232 -5.29 25.92 1.81
N GLU B 233 -5.07 26.48 3.00
CA GLU B 233 -5.97 26.24 4.12
C GLU B 233 -7.37 26.77 3.84
N CYS B 234 -7.46 27.91 3.15
CA CYS B 234 -8.76 28.50 2.82
C CYS B 234 -9.51 27.66 1.80
N GLU B 235 -8.77 26.96 0.93
CA GLU B 235 -9.37 26.13 -0.11
C GLU B 235 -9.62 24.70 0.36
N ASP B 236 -9.22 24.36 1.57
CA ASP B 236 -9.40 23.00 2.08
C ASP B 236 -10.88 22.76 2.35
N GLN B 237 -11.53 22.01 1.46
CA GLN B 237 -12.96 21.76 1.61
C GLN B 237 -13.26 20.82 2.76
N ASP B 238 -12.30 19.99 3.17
CA ASP B 238 -12.48 19.16 4.34
C ASP B 238 -12.62 20.03 5.60
N THR B 239 -11.74 21.01 5.76
CA THR B 239 -11.86 21.93 6.89
C THR B 239 -13.17 22.70 6.82
N GLN B 240 -13.59 23.08 5.62
CA GLN B 240 -14.83 23.84 5.46
C GLN B 240 -16.02 23.07 6.00
N GLN B 241 -16.11 21.79 5.66
CA GLN B 241 -17.27 21.00 6.07
C GLN B 241 -17.17 20.53 7.51
N ARG B 242 -15.98 20.08 7.93
CA ARG B 242 -15.85 19.44 9.24
C ARG B 242 -15.50 20.42 10.36
N ASP B 243 -14.79 21.50 10.06
CA ASP B 243 -14.38 22.48 11.07
C ASP B 243 -14.60 23.88 10.54
N PRO B 244 -15.86 24.30 10.41
CA PRO B 244 -16.15 25.58 9.74
C PRO B 244 -15.55 26.79 10.42
N LYS B 245 -15.51 26.80 11.76
CA LYS B 245 -14.91 27.94 12.46
C LYS B 245 -13.42 28.06 12.15
N THR B 246 -12.73 26.93 12.03
CA THR B 246 -11.33 26.96 11.65
C THR B 246 -11.15 27.48 10.23
N HIS B 247 -12.00 27.02 9.31
CA HIS B 247 -11.96 27.53 7.94
C HIS B 247 -12.19 29.04 7.92
N GLU B 248 -13.18 29.52 8.66
CA GLU B 248 -13.43 30.95 8.74
C GLU B 248 -12.23 31.69 9.30
N MET B 249 -11.54 31.09 10.26
CA MET B 249 -10.34 31.72 10.82
C MET B 249 -9.29 31.94 9.75
N TYR B 250 -9.01 30.91 8.94
CA TYR B 250 -8.01 31.07 7.90
C TYR B 250 -8.45 32.10 6.87
N LEU B 251 -9.75 32.15 6.55
CA LEU B 251 -10.25 33.24 5.71
C LEU B 251 -9.91 34.59 6.32
N ASN B 252 -10.08 34.71 7.64
CA ASN B 252 -9.78 35.98 8.31
C ASN B 252 -8.28 36.26 8.33
N VAL B 253 -7.45 35.21 8.44
CA VAL B 253 -6.00 35.42 8.36
C VAL B 253 -5.64 36.01 7.00
N MET B 254 -6.20 35.45 5.93
CA MET B 254 -5.89 35.98 4.60
C MET B 254 -6.40 37.40 4.46
N ARG B 255 -7.58 37.69 5.02
CA ARG B 255 -8.10 39.06 4.98
C ARG B 255 -7.20 40.01 5.75
N ARG B 256 -6.73 39.59 6.93
CA ARG B 256 -5.80 40.41 7.70
C ARG B 256 -4.50 40.64 6.94
N PHE B 257 -3.96 39.58 6.32
CA PHE B 257 -2.74 39.70 5.54
C PHE B 257 -2.91 40.69 4.40
N SER B 258 -3.98 40.53 3.62
CA SER B 258 -4.24 41.44 2.51
C SER B 258 -4.41 42.87 3.00
N GLN B 259 -5.07 43.06 4.14
CA GLN B 259 -5.25 44.41 4.67
C GLN B 259 -3.91 45.05 5.02
N ALA B 260 -3.03 44.29 5.66
CA ALA B 260 -1.73 44.84 6.06
C ALA B 260 -0.90 45.21 4.84
N LEU B 261 -0.95 44.39 3.79
CA LEU B 261 -0.16 44.67 2.60
C LEU B 261 -0.65 45.94 1.90
N LEU B 262 -1.96 46.15 1.86
CA LEU B 262 -2.50 47.32 1.20
C LEU B 262 -2.30 48.58 2.04
N LYS B 263 -2.31 48.43 3.36
CA LYS B 263 -2.18 49.58 4.25
C LYS B 263 -0.76 50.17 4.19
N GLY B 264 0.24 49.34 3.94
CA GLY B 264 1.63 49.75 4.11
C GLY B 264 2.19 50.55 2.95
N ASP B 265 3.52 50.63 2.92
CA ASP B 265 4.23 51.49 1.97
C ASP B 265 4.33 50.78 0.63
N LYS B 266 5.05 51.41 -0.32
CA LYS B 266 5.03 50.89 -1.68
C LYS B 266 5.56 49.47 -1.77
N SER B 267 6.55 49.13 -0.93
CA SER B 267 7.13 47.80 -1.01
C SER B 267 6.09 46.72 -0.73
N VAL B 268 5.22 46.93 0.27
CA VAL B 268 4.23 45.90 0.56
C VAL B 268 3.05 45.97 -0.42
N ARG B 269 2.69 47.16 -0.90
CA ARG B 269 1.63 47.21 -1.89
C ARG B 269 2.07 46.57 -3.20
N VAL B 270 3.36 46.67 -3.54
CA VAL B 270 3.86 45.92 -4.69
C VAL B 270 3.81 44.42 -4.42
N MET B 271 4.22 44.01 -3.21
CA MET B 271 4.07 42.60 -2.83
C MET B 271 2.67 42.10 -3.08
N ARG B 272 1.68 42.89 -2.66
CA ARG B 272 0.28 42.48 -2.83
C ARG B 272 -0.05 42.23 -4.29
N SER B 273 0.38 43.11 -5.19
CA SER B 273 0.06 42.93 -6.60
C SER B 273 0.82 41.75 -7.19
N LEU B 274 2.03 41.48 -6.70
CA LEU B 274 2.79 40.34 -7.19
C LEU B 274 2.18 39.02 -6.75
N LEU B 275 1.64 38.96 -5.54
CA LEU B 275 0.91 37.77 -5.12
C LEU B 275 -0.31 37.56 -6.00
N ALA B 276 -1.04 38.63 -6.32
CA ALA B 276 -2.20 38.51 -7.20
C ALA B 276 -1.77 38.01 -8.58
N ALA B 277 -0.63 38.48 -9.09
CA ALA B 277 -0.18 38.05 -10.40
C ALA B 277 0.24 36.58 -10.39
N GLN B 278 0.88 36.14 -9.30
CA GLN B 278 1.17 34.72 -9.15
C GLN B 278 -0.11 33.88 -9.19
N GLN B 279 -1.10 34.29 -8.40
CA GLN B 279 -2.35 33.53 -8.31
C GLN B 279 -3.01 33.41 -9.68
N THR B 280 -3.05 34.50 -10.44
CA THR B 280 -3.67 34.42 -11.76
C THR B 280 -2.86 33.54 -12.70
N PHE B 281 -1.53 33.55 -12.58
CA PHE B 281 -0.71 32.65 -13.39
C PHE B 281 -1.04 31.19 -13.05
N VAL B 282 -1.09 30.85 -11.76
CA VAL B 282 -1.44 29.50 -11.36
C VAL B 282 -2.84 29.14 -11.84
N ASP B 283 -3.79 30.08 -11.72
CA ASP B 283 -5.14 29.83 -12.22
C ASP B 283 -5.11 29.47 -13.70
N ARG B 284 -4.35 30.23 -14.51
CA ARG B 284 -4.28 29.94 -15.93
C ARG B 284 -3.62 28.60 -16.20
N LEU B 285 -2.57 28.26 -15.45
CA LEU B 285 -1.93 26.97 -15.64
C LEU B 285 -2.87 25.83 -15.25
N VAL B 286 -3.66 26.02 -14.20
CA VAL B 286 -4.63 25.01 -13.80
C VAL B 286 -5.66 24.81 -14.90
N HIS B 287 -6.23 25.90 -15.40
CA HIS B 287 -7.18 25.82 -16.50
C HIS B 287 -6.58 25.09 -17.69
N LEU B 288 -5.31 25.37 -18.01
CA LEU B 288 -4.66 24.72 -19.14
C LEU B 288 -4.54 23.22 -18.92
N MET B 289 -4.15 22.80 -17.72
CA MET B 289 -4.03 21.37 -17.45
C MET B 289 -5.37 20.67 -17.63
N LYS B 290 -6.46 21.28 -17.14
CA LYS B 290 -7.78 20.72 -17.36
C LYS B 290 -8.10 20.60 -18.85
N ALA B 291 -7.68 21.60 -19.64
CA ALA B 291 -7.96 21.55 -21.07
C ALA B 291 -7.21 20.41 -21.75
N VAL B 292 -6.02 20.09 -21.24
CA VAL B 292 -5.25 18.99 -21.81
C VAL B 292 -5.85 17.65 -21.42
N GLN B 293 -6.56 17.59 -20.29
CA GLN B 293 -7.14 16.35 -19.80
C GLN B 293 -8.58 16.13 -20.21
N ARG B 294 -9.26 17.16 -20.71
CA ARG B 294 -10.51 16.92 -21.42
C ARG B 294 -10.28 16.21 -22.74
N GLU B 295 -9.02 16.03 -23.14
CA GLU B 295 -8.68 15.40 -24.40
C GLU B 295 -8.94 13.91 -24.35
N SER B 296 -9.32 13.35 -25.49
CA SER B 296 -9.61 11.93 -25.63
C SER B 296 -8.41 11.12 -26.14
N GLY B 297 -7.27 11.77 -26.36
CA GLY B 297 -6.20 11.18 -27.13
C GLY B 297 -5.17 10.43 -26.31
N ASN B 298 -4.21 9.84 -27.03
CA ASN B 298 -3.07 9.19 -26.42
C ASN B 298 -2.11 10.24 -25.86
N ARG B 299 -1.05 9.77 -25.20
CA ARG B 299 -0.12 10.71 -24.57
C ARG B 299 0.49 11.66 -25.58
N LYS B 300 0.77 11.17 -26.79
CA LYS B 300 1.39 12.03 -27.81
C LYS B 300 0.48 13.20 -28.17
N LYS B 301 -0.82 12.95 -28.29
CA LYS B 301 -1.73 14.04 -28.62
C LYS B 301 -1.94 14.97 -27.45
N LYS B 302 -1.88 14.45 -26.22
CA LYS B 302 -1.99 15.33 -25.05
C LYS B 302 -0.76 16.23 -24.94
N ASN B 303 0.42 15.69 -25.23
CA ASN B 303 1.62 16.54 -25.27
C ASN B 303 1.48 17.63 -26.33
N GLU B 304 0.93 17.30 -27.49
CA GLU B 304 0.77 18.29 -28.54
C GLU B 304 -0.27 19.34 -28.17
N ARG B 305 -1.35 18.91 -27.50
CA ARG B 305 -2.31 19.87 -26.97
C ARG B 305 -1.66 20.77 -25.92
N LEU B 306 -0.89 20.17 -25.02
CA LEU B 306 -0.22 20.95 -23.98
C LEU B 306 0.69 22.02 -24.59
N GLN B 307 1.49 21.63 -25.60
CA GLN B 307 2.45 22.55 -26.18
C GLN B 307 1.75 23.61 -27.04
N ALA B 308 0.68 23.23 -27.73
CA ALA B 308 -0.06 24.19 -28.54
C ALA B 308 -0.69 25.26 -27.66
N LEU B 309 -1.33 24.84 -26.56
CA LEU B 309 -1.95 25.81 -25.66
C LEU B 309 -0.91 26.71 -25.00
N LEU B 310 0.22 26.14 -24.59
CA LEU B 310 1.27 26.94 -23.99
C LEU B 310 1.82 27.96 -24.98
N GLY B 311 1.84 27.63 -26.26
CA GLY B 311 2.34 28.54 -27.28
C GLY B 311 1.41 29.66 -27.66
N ASP B 312 0.14 29.60 -27.24
CA ASP B 312 -0.84 30.65 -27.53
C ASP B 312 -0.87 31.62 -26.36
N ASN B 313 0.07 32.57 -26.38
CA ASN B 313 0.20 33.51 -25.27
C ASN B 313 -0.98 34.47 -25.19
N GLU B 314 -1.62 34.77 -26.32
CA GLU B 314 -2.74 35.72 -26.30
C GLU B 314 -3.96 35.12 -25.64
N LYS B 315 -4.19 33.81 -25.80
CA LYS B 315 -5.37 33.16 -25.25
C LYS B 315 -5.14 32.60 -23.85
N MET B 316 -3.95 32.03 -23.60
CA MET B 316 -3.64 31.46 -22.29
C MET B 316 -2.71 32.32 -21.46
N ASN B 317 -1.84 33.11 -22.10
CA ASN B 317 -0.92 34.01 -21.41
C ASN B 317 -0.04 33.27 -20.41
N LEU B 318 0.75 32.32 -20.94
CA LEU B 318 1.69 31.57 -20.13
C LEU B 318 3.09 31.45 -20.73
N SER B 319 3.27 31.74 -22.03
CA SER B 319 4.59 31.63 -22.63
C SER B 319 5.42 32.89 -22.43
N ASP B 320 4.77 34.06 -22.31
CA ASP B 320 5.49 35.30 -22.06
C ASP B 320 4.60 36.18 -21.19
N VAL B 321 5.01 36.37 -19.93
CA VAL B 321 4.27 37.19 -18.98
C VAL B 321 5.25 38.14 -18.30
N GLU B 322 4.70 39.18 -17.67
CA GLU B 322 5.54 40.11 -16.92
C GLU B 322 6.21 39.37 -15.75
N LEU B 323 7.42 39.81 -15.41
CA LEU B 323 8.22 39.13 -14.40
C LEU B 323 7.44 38.97 -13.10
N ILE B 324 7.37 37.74 -12.61
CA ILE B 324 6.77 37.47 -11.30
C ILE B 324 7.64 36.46 -10.57
N PRO B 325 7.58 36.48 -9.24
CA PRO B 325 8.28 35.45 -8.47
C PRO B 325 7.68 34.07 -8.73
N LEU B 326 8.54 33.08 -8.84
CA LEU B 326 8.09 31.70 -8.94
C LEU B 326 7.57 31.25 -7.58
N PRO B 327 6.30 30.87 -7.45
CA PRO B 327 5.78 30.51 -6.12
C PRO B 327 6.60 29.43 -5.43
N LEU B 328 7.10 28.46 -6.21
CA LEU B 328 7.89 27.36 -5.67
C LEU B 328 9.21 27.85 -5.07
N GLU B 329 9.77 28.92 -5.63
CA GLU B 329 11.05 29.46 -5.16
C GLU B 329 11.07 30.93 -5.55
N PRO B 330 10.52 31.80 -4.69
CA PRO B 330 10.24 33.18 -5.12
C PRO B 330 11.48 34.01 -5.44
N GLN B 331 12.67 33.60 -4.98
CA GLN B 331 13.88 34.30 -5.39
C GLN B 331 14.12 34.19 -6.88
N VAL B 332 13.51 33.21 -7.53
CA VAL B 332 13.59 33.05 -8.99
C VAL B 332 12.40 33.76 -9.60
N LYS B 333 12.66 34.74 -10.46
CA LYS B 333 11.62 35.42 -11.21
C LYS B 333 11.52 34.80 -12.60
N ILE B 334 10.29 34.61 -13.08
CA ILE B 334 10.06 33.87 -14.32
C ILE B 334 9.31 34.75 -15.31
N ARG B 335 9.56 34.49 -16.60
N ARG B 335 9.56 34.49 -16.59
CA ARG B 335 8.92 35.22 -17.68
CA ARG B 335 8.93 35.22 -17.69
C ARG B 335 7.84 34.42 -18.39
C ARG B 335 7.84 34.42 -18.39
N GLY B 336 7.60 33.18 -17.98
CA GLY B 336 6.64 32.31 -18.62
C GLY B 336 7.18 30.91 -18.71
N ILE B 337 6.54 30.09 -19.56
CA ILE B 337 6.87 28.68 -19.71
C ILE B 337 7.25 28.42 -21.15
N ILE B 338 8.31 27.63 -21.35
CA ILE B 338 8.76 27.27 -22.70
C ILE B 338 7.79 26.25 -23.28
N PRO B 339 7.11 26.55 -24.39
CA PRO B 339 6.04 25.65 -24.85
C PRO B 339 6.55 24.35 -25.43
N GLU B 340 7.65 24.37 -26.17
CA GLU B 340 8.03 23.21 -26.98
C GLU B 340 8.66 22.08 -26.19
N THR B 341 9.07 22.32 -24.93
CA THR B 341 9.69 21.27 -24.12
C THR B 341 8.79 20.78 -23.00
N ALA B 342 7.51 21.17 -23.00
CA ALA B 342 6.56 20.71 -21.99
C ALA B 342 6.00 19.35 -22.38
N THR B 343 6.00 18.41 -21.45
CA THR B 343 5.44 17.09 -21.70
C THR B 343 4.80 16.56 -20.43
N LEU B 344 3.97 15.54 -20.60
CA LEU B 344 3.32 14.86 -19.49
C LEU B 344 4.09 13.62 -19.11
N PHE B 345 4.13 13.33 -17.81
CA PHE B 345 4.71 12.07 -17.34
C PHE B 345 3.81 10.90 -17.70
N LYS B 346 4.41 9.74 -17.93
CA LYS B 346 3.67 8.52 -18.24
C LYS B 346 3.25 7.88 -16.93
N SER B 347 2.12 8.35 -16.40
CA SER B 347 1.58 7.89 -15.13
C SER B 347 0.10 8.20 -15.08
N ALA B 348 -0.58 7.60 -14.11
CA ALA B 348 -2.05 7.69 -14.07
C ALA B 348 -2.53 9.13 -14.00
N LEU B 349 -1.87 9.96 -13.18
CA LEU B 349 -2.31 11.33 -12.98
C LEU B 349 -1.75 12.31 -13.99
N MET B 350 -0.79 11.89 -14.81
CA MET B 350 -0.25 12.69 -15.91
C MET B 350 0.14 14.11 -15.47
N PRO B 351 1.00 14.25 -14.47
CA PRO B 351 1.55 15.57 -14.16
C PRO B 351 2.44 16.04 -15.31
N ALA B 352 2.67 17.35 -15.36
CA ALA B 352 3.43 17.94 -16.45
C ALA B 352 4.85 18.25 -15.99
N GLN B 353 5.81 18.09 -16.90
CA GLN B 353 7.13 18.66 -16.74
C GLN B 353 7.18 19.96 -17.53
N LEU B 354 7.51 21.05 -16.87
CA LEU B 354 7.46 22.38 -17.46
C LEU B 354 8.78 23.11 -17.19
N PHE B 355 9.31 23.75 -18.22
CA PHE B 355 10.54 24.53 -18.09
C PHE B 355 10.17 26.01 -18.06
N PHE B 356 10.41 26.65 -16.91
CA PHE B 356 10.14 28.07 -16.76
C PHE B 356 11.28 28.90 -17.35
N LYS B 357 10.93 30.00 -18.01
CA LYS B 357 11.92 30.98 -18.43
C LYS B 357 12.26 31.88 -17.25
N THR B 358 13.51 31.86 -16.83
CA THR B 358 13.94 32.71 -15.72
C THR B 358 14.37 34.08 -16.22
N GLU B 359 14.49 35.03 -15.29
CA GLU B 359 14.81 36.40 -15.65
C GLU B 359 16.15 36.49 -16.39
N ASP B 360 17.15 35.75 -15.92
CA ASP B 360 18.48 35.80 -16.52
C ASP B 360 18.56 35.09 -17.87
N GLY B 361 17.46 34.50 -18.34
CA GLY B 361 17.46 33.76 -19.57
C GLY B 361 17.65 32.27 -19.42
N GLY B 362 17.81 31.78 -18.20
CA GLY B 362 17.97 30.35 -17.96
C GLY B 362 16.64 29.62 -17.96
N LYS B 363 16.67 28.42 -17.37
CA LYS B 363 15.48 27.58 -17.30
C LYS B 363 15.41 26.96 -15.91
N TYR B 364 14.18 26.72 -15.46
CA TYR B 364 13.92 26.12 -14.15
C TYR B 364 12.82 25.09 -14.35
N PRO B 365 13.18 23.81 -14.47
CA PRO B 365 12.14 22.78 -14.68
C PRO B 365 11.40 22.45 -13.41
N VAL B 366 10.10 22.18 -13.56
CA VAL B 366 9.26 21.79 -12.44
C VAL B 366 8.39 20.62 -12.89
N ILE B 367 7.87 19.91 -11.90
CA ILE B 367 6.69 19.06 -12.08
C ILE B 367 5.51 19.85 -11.56
N PHE B 368 4.48 20.00 -12.39
CA PHE B 368 3.21 20.55 -11.93
C PHE B 368 2.23 19.40 -11.84
N LYS B 369 1.79 19.11 -10.61
CA LYS B 369 0.80 18.08 -10.36
C LYS B 369 -0.58 18.72 -10.30
N HIS B 370 -1.54 18.13 -10.99
N HIS B 370 -1.55 18.09 -10.97
CA HIS B 370 -2.92 18.61 -10.93
CA HIS B 370 -2.92 18.56 -11.03
C HIS B 370 -3.86 17.45 -10.67
C HIS B 370 -3.85 17.42 -10.65
N GLY B 371 -4.88 17.72 -9.86
CA GLY B 371 -5.77 16.67 -9.38
C GLY B 371 -5.06 15.78 -8.37
N ASP B 372 -4.26 16.38 -7.49
CA ASP B 372 -3.35 15.64 -6.62
C ASP B 372 -3.04 16.49 -5.40
N ASP B 373 -3.07 15.87 -4.22
CA ASP B 373 -2.81 16.56 -2.95
C ASP B 373 -1.35 16.34 -2.59
N LEU B 374 -0.55 17.41 -2.66
CA LEU B 374 0.90 17.36 -2.45
C LEU B 374 1.30 17.62 -1.01
N ARG B 375 0.35 17.75 -0.08
CA ARG B 375 0.70 18.30 1.22
C ARG B 375 1.58 17.37 2.04
N GLN B 376 1.44 16.05 1.88
CA GLN B 376 2.32 15.15 2.62
C GLN B 376 3.75 15.22 2.09
N ASP B 377 3.92 15.24 0.77
CA ASP B 377 5.24 15.49 0.21
C ASP B 377 5.77 16.85 0.62
N GLN B 378 4.90 17.87 0.65
CA GLN B 378 5.33 19.20 1.04
C GLN B 378 5.93 19.19 2.44
N LEU B 379 5.25 18.54 3.39
CA LEU B 379 5.76 18.47 4.75
C LEU B 379 7.10 17.74 4.80
N ILE B 380 7.19 16.58 4.15
CA ILE B 380 8.41 15.78 4.25
C ILE B 380 9.60 16.51 3.64
N LEU B 381 9.42 17.13 2.47
CA LEU B 381 10.54 17.85 1.88
C LEU B 381 10.91 19.07 2.70
N GLN B 382 9.93 19.66 3.39
CA GLN B 382 10.22 20.76 4.31
C GLN B 382 11.03 20.27 5.50
N ILE B 383 10.73 19.06 5.98
CA ILE B 383 11.49 18.51 7.11
C ILE B 383 12.87 18.06 6.66
N ILE B 384 12.97 17.47 5.46
CA ILE B 384 14.28 17.09 4.95
C ILE B 384 15.14 18.32 4.74
N SER B 385 14.55 19.41 4.22
CA SER B 385 15.28 20.67 4.11
C SER B 385 15.79 21.12 5.46
N LEU B 386 14.95 21.04 6.49
CA LEU B 386 15.39 21.41 7.84
C LEU B 386 16.54 20.54 8.31
N MET B 387 16.39 19.22 8.17
CA MET B 387 17.44 18.32 8.65
C MET B 387 18.75 18.54 7.93
N ASP B 388 18.68 18.79 6.62
CA ASP B 388 19.89 19.14 5.87
C ASP B 388 20.53 20.41 6.42
N LYS B 389 19.72 21.43 6.72
CA LYS B 389 20.27 22.67 7.26
C LYS B 389 20.85 22.47 8.64
N LEU B 390 20.22 21.64 9.46
CA LEU B 390 20.77 21.35 10.78
C LEU B 390 22.10 20.62 10.67
N LEU B 391 22.20 19.67 9.75
CA LEU B 391 23.47 18.96 9.55
C LEU B 391 24.55 19.90 9.02
N ARG B 392 24.18 20.79 8.10
CA ARG B 392 25.16 21.73 7.59
C ARG B 392 25.65 22.68 8.68
N LYS B 393 24.75 23.09 9.58
CA LYS B 393 25.16 23.96 10.68
C LYS B 393 26.13 23.25 11.62
N GLU B 394 26.07 21.93 11.67
CA GLU B 394 27.05 21.14 12.39
C GLU B 394 28.25 20.76 11.54
N ASN B 395 28.39 21.40 10.37
CA ASN B 395 29.53 21.18 9.48
C ASN B 395 29.50 19.77 8.88
N LEU B 396 28.31 19.27 8.59
CA LEU B 396 28.14 17.95 7.96
C LEU B 396 27.26 18.13 6.73
N ASP B 397 27.88 18.16 5.56
CA ASP B 397 27.18 18.31 4.27
C ASP B 397 27.15 16.92 3.63
N LEU B 398 26.02 16.24 3.74
CA LEU B 398 25.89 14.89 3.20
C LEU B 398 25.34 14.86 1.78
N LYS B 399 25.43 15.98 1.06
CA LYS B 399 25.11 16.01 -0.38
C LYS B 399 23.67 15.57 -0.63
N LEU B 400 22.75 16.08 0.20
CA LEU B 400 21.35 15.73 0.09
C LEU B 400 20.65 16.58 -0.98
N THR B 401 19.45 16.17 -1.35
CA THR B 401 18.67 16.82 -2.42
C THR B 401 17.29 17.17 -1.89
N PRO B 402 17.20 18.19 -1.06
CA PRO B 402 15.89 18.66 -0.55
C PRO B 402 15.19 19.53 -1.60
N TYR B 403 14.70 18.90 -2.66
CA TYR B 403 14.04 19.66 -3.71
C TYR B 403 12.79 20.33 -3.16
N LYS B 404 12.45 21.49 -3.72
CA LYS B 404 11.34 22.27 -3.19
C LYS B 404 10.02 21.69 -3.63
N VAL B 405 9.03 21.77 -2.74
CA VAL B 405 7.66 21.34 -2.99
C VAL B 405 6.72 22.42 -2.45
N LEU B 406 5.71 22.78 -3.24
CA LEU B 406 4.77 23.81 -2.82
C LEU B 406 3.37 23.46 -3.30
N ALA B 407 2.46 23.24 -2.36
CA ALA B 407 1.05 23.10 -2.73
C ALA B 407 0.47 24.46 -3.06
N THR B 408 -0.13 24.59 -4.23
CA THR B 408 -0.86 25.79 -4.59
C THR B 408 -2.37 25.66 -4.36
N SER B 409 -2.81 24.47 -4.00
CA SER B 409 -4.18 24.18 -3.58
C SER B 409 -4.14 22.79 -2.95
N THR B 410 -5.29 22.34 -2.43
CA THR B 410 -5.34 20.96 -1.99
C THR B 410 -5.32 19.98 -3.16
N LYS B 411 -5.39 20.48 -4.40
CA LYS B 411 -5.49 19.65 -5.57
C LYS B 411 -4.40 19.88 -6.61
N HIS B 412 -3.43 20.75 -6.35
CA HIS B 412 -2.34 20.94 -7.31
C HIS B 412 -1.16 21.61 -6.62
N GLY B 413 -0.03 21.61 -7.30
CA GLY B 413 1.17 22.22 -6.76
C GLY B 413 2.38 21.91 -7.60
N PHE B 414 3.51 22.46 -7.16
CA PHE B 414 4.77 22.40 -7.88
C PHE B 414 5.80 21.56 -7.14
N MET B 415 6.69 20.94 -7.90
CA MET B 415 7.90 20.33 -7.37
C MET B 415 9.08 20.76 -8.23
N GLN B 416 10.19 21.08 -7.58
CA GLN B 416 11.43 21.42 -8.28
C GLN B 416 12.06 20.17 -8.89
N PHE B 417 12.23 20.18 -10.21
CA PHE B 417 12.73 19.00 -10.91
C PHE B 417 14.25 18.98 -10.90
N ILE B 418 14.81 17.84 -10.49
CA ILE B 418 16.24 17.62 -10.38
C ILE B 418 16.63 16.59 -11.44
N GLN B 419 17.60 16.92 -12.29
CA GLN B 419 18.01 15.98 -13.32
C GLN B 419 18.64 14.75 -12.67
N SER B 420 18.17 13.57 -13.07
CA SER B 420 18.41 12.35 -12.32
C SER B 420 17.89 11.17 -13.12
N VAL B 421 18.21 9.97 -12.65
CA VAL B 421 17.66 8.75 -13.24
C VAL B 421 17.26 7.81 -12.11
N PRO B 422 16.07 7.20 -12.18
CA PRO B 422 15.68 6.23 -11.14
C PRO B 422 16.60 5.02 -11.15
N VAL B 423 16.83 4.47 -9.96
CA VAL B 423 17.71 3.31 -9.83
C VAL B 423 17.16 2.12 -10.62
N ALA B 424 15.83 1.98 -10.67
CA ALA B 424 15.25 0.90 -11.45
C ALA B 424 15.65 1.02 -12.91
N GLU B 425 15.74 2.25 -13.42
CA GLU B 425 16.17 2.44 -14.79
C GLU B 425 17.66 2.18 -14.96
N VAL B 426 18.47 2.55 -13.96
CA VAL B 426 19.90 2.26 -14.02
C VAL B 426 20.12 0.76 -14.11
N LEU B 427 19.37 -0.02 -13.31
CA LEU B 427 19.50 -1.47 -13.37
C LEU B 427 19.08 -2.01 -14.73
N ASP B 428 17.98 -1.48 -15.29
CA ASP B 428 17.47 -1.99 -16.55
C ASP B 428 18.44 -1.73 -17.70
N THR B 429 19.11 -0.58 -17.70
CA THR B 429 19.96 -0.19 -18.82
C THR B 429 21.44 -0.48 -18.60
N GLU B 430 21.93 -0.39 -17.36
CA GLU B 430 23.34 -0.59 -17.07
C GLU B 430 23.62 -1.78 -16.17
N GLY B 431 22.61 -2.35 -15.51
CA GLY B 431 22.77 -3.55 -14.72
C GLY B 431 23.15 -3.31 -13.28
N SER B 432 23.90 -2.25 -12.98
CA SER B 432 24.31 -1.98 -11.61
C SER B 432 24.62 -0.50 -11.47
N ILE B 433 24.52 -0.01 -10.23
CA ILE B 433 24.91 1.37 -9.95
C ILE B 433 26.40 1.58 -10.25
N GLN B 434 27.23 0.58 -9.96
CA GLN B 434 28.65 0.73 -10.25
C GLN B 434 28.90 0.87 -11.75
N ASN B 435 28.22 0.06 -12.56
CA ASN B 435 28.34 0.20 -14.01
C ASN B 435 27.92 1.60 -14.46
N PHE B 436 26.85 2.12 -13.88
CA PHE B 436 26.42 3.49 -14.16
C PHE B 436 27.54 4.49 -13.84
N PHE B 437 28.09 4.41 -12.62
CA PHE B 437 29.15 5.34 -12.24
C PHE B 437 30.39 5.15 -13.10
N ARG B 438 30.73 3.91 -13.44
CA ARG B 438 31.90 3.66 -14.27
C ARG B 438 31.71 4.21 -15.68
N LYS B 439 30.46 4.27 -16.15
CA LYS B 439 30.20 4.78 -17.48
C LYS B 439 30.33 6.31 -17.53
N TYR B 440 29.74 7.00 -16.57
CA TYR B 440 29.67 8.46 -16.62
C TYR B 440 30.71 9.16 -15.76
N ALA B 441 31.43 8.43 -14.91
CA ALA B 441 32.48 9.05 -14.12
C ALA B 441 33.62 8.06 -13.88
N PRO B 442 34.27 7.58 -14.94
CA PRO B 442 35.36 6.62 -14.75
C PRO B 442 36.59 7.27 -14.14
N SER B 443 37.35 6.46 -13.41
CA SER B 443 38.65 6.87 -12.88
C SER B 443 39.39 5.58 -12.56
N GLU B 444 40.45 5.29 -13.33
CA GLU B 444 41.05 3.97 -13.27
C GLU B 444 41.62 3.65 -11.89
N ASN B 445 42.16 4.66 -11.20
CA ASN B 445 42.75 4.45 -9.88
C ASN B 445 41.79 4.78 -8.73
N GLY B 446 40.52 5.03 -9.02
CA GLY B 446 39.54 5.28 -8.00
C GLY B 446 38.89 4.01 -7.52
N PRO B 447 38.08 4.10 -6.46
CA PRO B 447 37.42 2.91 -5.92
C PRO B 447 36.56 2.22 -6.97
N ASN B 448 36.89 0.96 -7.25
CA ASN B 448 36.19 0.16 -8.26
C ASN B 448 36.15 0.88 -9.60
N GLY B 449 37.19 1.64 -9.91
CA GLY B 449 37.27 2.33 -11.18
C GLY B 449 36.37 3.54 -11.30
N ILE B 450 35.86 4.05 -10.19
CA ILE B 450 34.94 5.18 -10.18
C ILE B 450 35.64 6.38 -9.56
N SER B 451 35.30 7.57 -10.07
CA SER B 451 35.82 8.80 -9.50
C SER B 451 35.63 8.84 -7.99
N ALA B 452 36.68 9.23 -7.27
CA ALA B 452 36.63 9.23 -5.81
C ALA B 452 35.66 10.28 -5.29
N GLU B 453 35.59 11.44 -5.96
CA GLU B 453 34.63 12.47 -5.54
C GLU B 453 33.20 11.99 -5.73
N VAL B 454 32.93 11.29 -6.83
CA VAL B 454 31.60 10.74 -7.06
C VAL B 454 31.25 9.70 -6.01
N MET B 455 32.19 8.80 -5.69
CA MET B 455 31.91 7.79 -4.68
C MET B 455 31.74 8.42 -3.30
N ASP B 456 32.53 9.44 -2.99
CA ASP B 456 32.36 10.15 -1.72
C ASP B 456 30.97 10.74 -1.61
N THR B 457 30.51 11.39 -2.69
CA THR B 457 29.16 11.95 -2.70
C THR B 457 28.10 10.87 -2.52
N TYR B 458 28.31 9.73 -3.17
CA TYR B 458 27.35 8.63 -3.09
C TYR B 458 27.27 8.07 -1.67
N VAL B 459 28.43 7.81 -1.05
CA VAL B 459 28.43 7.27 0.31
C VAL B 459 27.76 8.25 1.28
N LYS B 460 28.05 9.54 1.14
CA LYS B 460 27.47 10.53 2.05
C LYS B 460 25.97 10.64 1.89
N SER B 461 25.47 10.73 0.65
CA SER B 461 24.04 10.90 0.46
C SER B 461 23.27 9.62 0.80
N CYS B 462 23.86 8.45 0.52
CA CYS B 462 23.26 7.21 1.01
C CYS B 462 23.09 7.26 2.52
N ALA B 463 24.14 7.68 3.24
CA ALA B 463 24.09 7.74 4.68
C ALA B 463 23.02 8.72 5.16
N GLY B 464 23.06 9.95 4.63
CA GLY B 464 22.05 10.92 5.03
C GLY B 464 20.65 10.40 4.84
N TYR B 465 20.35 9.85 3.65
CA TYR B 465 18.99 9.41 3.40
C TYR B 465 18.64 8.16 4.20
N CYS B 466 19.61 7.28 4.45
N CYS B 466 19.61 7.30 4.49
CA CYS B 466 19.36 6.14 5.32
CA CYS B 466 19.31 6.14 5.30
C CYS B 466 18.84 6.60 6.67
C CYS B 466 18.88 6.55 6.71
N VAL B 467 19.53 7.56 7.29
CA VAL B 467 19.15 8.00 8.62
C VAL B 467 17.84 8.79 8.57
N ILE B 468 17.71 9.68 7.59
CA ILE B 468 16.53 10.55 7.53
C ILE B 468 15.27 9.74 7.23
N THR B 469 15.33 8.83 6.24
CA THR B 469 14.14 8.04 5.95
C THR B 469 13.82 7.07 7.08
N TYR B 470 14.82 6.64 7.85
CA TYR B 470 14.55 5.84 9.04
C TYR B 470 13.80 6.65 10.09
N ILE B 471 14.26 7.87 10.37
CA ILE B 471 13.61 8.69 11.39
C ILE B 471 12.17 9.00 11.00
N LEU B 472 11.94 9.31 9.72
CA LEU B 472 10.60 9.67 9.26
C LEU B 472 9.76 8.46 8.89
N GLY B 473 10.31 7.24 8.99
CA GLY B 473 9.53 6.04 8.75
C GLY B 473 8.97 5.93 7.34
N VAL B 474 9.77 6.30 6.34
CA VAL B 474 9.30 6.33 4.97
C VAL B 474 9.15 4.90 4.44
N GLY B 475 7.99 4.59 3.88
CA GLY B 475 7.73 3.31 3.26
C GLY B 475 7.64 3.41 1.75
N ASP B 476 7.17 2.31 1.15
CA ASP B 476 6.99 2.24 -0.30
C ASP B 476 8.29 2.57 -1.02
N ARG B 477 9.38 1.97 -0.54
CA ARG B 477 10.72 2.24 -1.09
C ARG B 477 11.04 1.20 -2.16
N HIS B 478 10.58 1.45 -3.37
CA HIS B 478 10.98 0.65 -4.52
C HIS B 478 11.96 1.46 -5.37
N LEU B 479 12.53 0.80 -6.37
CA LEU B 479 13.66 1.38 -7.08
C LEU B 479 13.28 2.50 -8.05
N ASP B 480 11.98 2.77 -8.23
CA ASP B 480 11.58 3.95 -8.98
C ASP B 480 11.48 5.20 -8.12
N ASN B 481 11.55 5.05 -6.79
CA ASN B 481 11.52 6.16 -5.84
C ASN B 481 12.90 6.49 -5.30
N LEU B 482 13.93 5.78 -5.76
CA LEU B 482 15.33 6.06 -5.45
C LEU B 482 15.97 6.62 -6.71
N LEU B 483 16.49 7.84 -6.65
CA LEU B 483 17.04 8.51 -7.82
C LEU B 483 18.52 8.79 -7.64
N LEU B 484 19.22 8.88 -8.77
CA LEU B 484 20.67 8.99 -8.81
C LEU B 484 21.06 10.07 -9.81
N THR B 485 22.11 10.83 -9.49
CA THR B 485 22.71 11.76 -10.43
C THR B 485 24.09 11.26 -10.84
N LYS B 486 24.58 11.79 -11.97
CA LYS B 486 25.90 11.42 -12.46
C LYS B 486 27.03 11.99 -11.61
N THR B 487 26.72 12.93 -10.71
CA THR B 487 27.70 13.39 -9.74
C THR B 487 27.77 12.50 -8.50
N GLY B 488 26.95 11.46 -8.42
CA GLY B 488 26.96 10.53 -7.32
C GLY B 488 25.89 10.73 -6.28
N LYS B 489 25.01 11.72 -6.45
CA LYS B 489 23.97 11.96 -5.47
C LYS B 489 22.86 10.92 -5.58
N LEU B 490 22.53 10.28 -4.46
CA LEU B 490 21.35 9.46 -4.33
C LEU B 490 20.33 10.21 -3.49
N PHE B 491 19.06 10.16 -3.88
CA PHE B 491 18.02 10.79 -3.08
C PHE B 491 16.68 10.09 -3.30
N HIS B 492 15.75 10.34 -2.38
CA HIS B 492 14.44 9.71 -2.37
C HIS B 492 13.37 10.68 -2.85
N ILE B 493 12.32 10.12 -3.46
CA ILE B 493 11.15 10.88 -3.88
C ILE B 493 9.89 10.13 -3.46
N ASP B 494 8.75 10.77 -3.68
CA ASP B 494 7.43 10.15 -3.54
C ASP B 494 7.15 9.67 -2.13
N PHE B 495 6.68 10.58 -1.27
CA PHE B 495 6.54 10.27 0.15
C PHE B 495 5.10 10.04 0.54
N GLY B 496 4.44 9.14 -0.19
CA GLY B 496 3.05 8.79 0.09
C GLY B 496 2.85 7.89 1.29
N TYR B 497 3.91 7.29 1.81
CA TYR B 497 3.87 6.43 2.99
C TYR B 497 4.94 6.88 3.97
N ILE B 498 4.53 7.37 5.14
CA ILE B 498 5.46 7.86 6.15
C ILE B 498 5.02 7.37 7.53
N LEU B 499 5.91 7.61 8.50
CA LEU B 499 5.62 7.33 9.91
C LEU B 499 5.30 5.87 10.14
N GLY B 500 5.94 4.99 9.38
CA GLY B 500 5.80 3.56 9.57
C GLY B 500 4.76 2.89 8.69
N ARG B 501 3.98 3.65 7.94
CA ARG B 501 3.03 3.04 7.02
C ARG B 501 3.75 2.49 5.80
N ASP B 502 3.13 1.50 5.17
CA ASP B 502 3.74 0.83 4.02
C ASP B 502 2.65 0.09 3.26
N PRO B 503 2.79 -0.07 1.94
CA PRO B 503 1.78 -0.86 1.21
C PRO B 503 1.73 -2.30 1.67
N LYS B 504 2.85 -2.87 2.08
CA LYS B 504 2.95 -4.24 2.54
C LYS B 504 3.03 -4.29 4.06
N PRO B 505 2.64 -5.41 4.66
CA PRO B 505 2.73 -5.54 6.11
C PRO B 505 4.17 -5.71 6.58
N LEU B 506 4.37 -5.44 7.86
CA LEU B 506 5.64 -5.70 8.54
C LEU B 506 6.83 -5.07 7.80
N PRO B 507 6.81 -3.76 7.54
CA PRO B 507 7.94 -3.13 6.89
C PRO B 507 9.13 -3.08 7.83
N PRO B 508 10.35 -3.27 7.31
CA PRO B 508 11.52 -3.24 8.18
C PRO B 508 11.77 -1.83 8.69
N PRO B 509 12.30 -1.68 9.90
CA PRO B 509 12.52 -0.34 10.45
C PRO B 509 13.50 0.48 9.63
N MET B 510 14.39 -0.18 8.90
CA MET B 510 15.39 0.49 8.07
C MET B 510 15.32 -0.14 6.68
N LYS B 511 15.00 0.67 5.69
CA LYS B 511 14.74 0.19 4.33
C LYS B 511 15.92 0.55 3.45
N LEU B 512 16.92 -0.35 3.44
CA LEU B 512 18.00 -0.30 2.46
C LEU B 512 17.66 -1.24 1.31
N ASN B 513 18.34 -1.02 0.18
CA ASN B 513 18.21 -1.89 -0.98
C ASN B 513 19.54 -2.56 -1.23
N LYS B 514 19.50 -3.84 -1.60
CA LYS B 514 20.73 -4.54 -1.95
C LYS B 514 21.53 -3.76 -2.98
N GLU B 515 20.84 -3.15 -3.95
CA GLU B 515 21.53 -2.40 -5.00
C GLU B 515 22.27 -1.19 -4.44
N MET B 516 21.76 -0.60 -3.36
CA MET B 516 22.42 0.56 -2.75
C MET B 516 23.76 0.16 -2.15
N VAL B 517 23.79 -0.94 -1.40
CA VAL B 517 25.05 -1.41 -0.83
C VAL B 517 25.99 -1.85 -1.94
N GLU B 518 25.48 -2.56 -2.94
CA GLU B 518 26.33 -2.98 -4.04
C GLU B 518 26.96 -1.79 -4.75
N GLY B 519 26.26 -0.65 -4.78
CA GLY B 519 26.76 0.51 -5.49
C GLY B 519 28.02 1.10 -4.89
N MET B 520 28.21 0.95 -3.59
CA MET B 520 29.42 1.46 -2.95
C MET B 520 30.53 0.43 -2.88
N GLY B 521 30.32 -0.75 -3.48
CA GLY B 521 31.32 -1.79 -3.50
C GLY B 521 31.04 -3.00 -2.64
N GLY B 522 29.84 -3.10 -2.06
CA GLY B 522 29.52 -4.21 -1.19
C GLY B 522 30.05 -4.02 0.23
N THR B 523 29.62 -4.90 1.12
CA THR B 523 30.05 -4.81 2.50
C THR B 523 31.55 -5.01 2.65
N GLN B 524 32.20 -5.65 1.68
CA GLN B 524 33.64 -5.86 1.72
C GLN B 524 34.43 -4.61 1.37
N SER B 525 33.78 -3.55 0.93
N SER B 525 33.79 -3.54 0.92
CA SER B 525 34.47 -2.31 0.58
CA SER B 525 34.50 -2.32 0.58
C SER B 525 34.68 -1.45 1.82
C SER B 525 34.69 -1.45 1.81
N GLU B 526 35.77 -0.68 1.83
CA GLU B 526 35.95 0.29 2.88
C GLU B 526 34.86 1.35 2.83
N GLN B 527 34.24 1.55 1.67
CA GLN B 527 33.13 2.50 1.56
C GLN B 527 31.98 2.12 2.48
N TYR B 528 31.78 0.83 2.73
CA TYR B 528 30.69 0.42 3.60
C TYR B 528 30.88 0.95 5.01
N GLN B 529 32.11 0.91 5.53
CA GLN B 529 32.38 1.47 6.85
C GLN B 529 32.27 2.99 6.86
N GLU B 530 32.71 3.64 5.78
CA GLU B 530 32.51 5.09 5.68
C GLU B 530 31.02 5.43 5.69
N PHE B 531 30.22 4.61 5.00
CA PHE B 531 28.76 4.77 5.03
C PHE B 531 28.24 4.62 6.46
N ARG B 532 28.69 3.59 7.18
CA ARG B 532 28.24 3.41 8.55
C ARG B 532 28.64 4.59 9.43
N LYS B 533 29.88 5.06 9.27
CA LYS B 533 30.36 6.16 10.11
C LYS B 533 29.57 7.44 9.87
N GLN B 534 29.20 7.72 8.62
CA GLN B 534 28.40 8.90 8.34
C GLN B 534 26.99 8.76 8.89
N CYS B 535 26.41 7.55 8.84
CA CYS B 535 25.12 7.31 9.49
C CYS B 535 25.19 7.62 10.97
N TYR B 536 26.21 7.10 11.67
CA TYR B 536 26.35 7.36 13.10
C TYR B 536 26.38 8.86 13.39
N THR B 537 27.21 9.60 12.65
N THR B 537 27.20 9.60 12.65
CA THR B 537 27.36 11.02 12.90
CA THR B 537 27.34 11.03 12.93
C THR B 537 26.06 11.76 12.63
C THR B 537 26.07 11.80 12.62
N ALA B 538 25.40 11.45 11.53
CA ALA B 538 24.13 12.11 11.22
C ALA B 538 23.08 11.80 12.27
N PHE B 539 23.02 10.54 12.72
CA PHE B 539 22.08 10.14 13.76
C PHE B 539 22.32 10.92 15.04
N LEU B 540 23.57 10.99 15.50
CA LEU B 540 23.88 11.70 16.73
C LEU B 540 23.56 13.19 16.60
N HIS B 541 23.83 13.79 15.44
CA HIS B 541 23.54 15.20 15.24
C HIS B 541 22.03 15.47 15.30
N LEU B 542 21.23 14.65 14.60
CA LEU B 542 19.80 14.91 14.57
C LEU B 542 19.16 14.63 15.93
N ARG B 543 19.67 13.65 16.68
CA ARG B 543 19.19 13.42 18.03
C ARG B 543 19.29 14.68 18.87
N ARG B 544 20.36 15.45 18.68
CA ARG B 544 20.57 16.66 19.48
C ARG B 544 19.56 17.74 19.15
N TYR B 545 18.88 17.64 18.01
CA TYR B 545 17.79 18.54 17.65
C TYR B 545 16.42 17.90 17.80
N SER B 546 16.32 16.84 18.62
CA SER B 546 15.06 16.13 18.76
C SER B 546 13.95 17.02 19.29
N ASN B 547 14.26 17.91 20.24
CA ASN B 547 13.23 18.81 20.75
C ASN B 547 12.61 19.63 19.61
N LEU B 548 13.46 20.22 18.76
CA LEU B 548 12.96 21.02 17.66
C LEU B 548 12.11 20.17 16.71
N ILE B 549 12.64 19.02 16.29
CA ILE B 549 11.95 18.20 15.31
C ILE B 549 10.63 17.69 15.87
N LEU B 550 10.63 17.27 17.13
CA LEU B 550 9.39 16.77 17.75
C LEU B 550 8.38 17.88 17.93
N ASN B 551 8.84 19.08 18.29
CA ASN B 551 7.91 20.21 18.45
C ASN B 551 7.26 20.58 17.12
N LEU B 552 8.02 20.51 16.03
CA LEU B 552 7.43 20.79 14.72
C LEU B 552 6.36 19.77 14.39
N PHE B 553 6.62 18.48 14.66
CA PHE B 553 5.60 17.48 14.38
C PHE B 553 4.39 17.65 15.29
N SER B 554 4.59 18.09 16.54
CA SER B 554 3.45 18.29 17.42
C SER B 554 2.53 19.39 16.91
N LEU B 555 3.06 20.33 16.12
CA LEU B 555 2.21 21.35 15.53
C LEU B 555 1.46 20.86 14.30
N MET B 556 1.77 19.65 13.81
CA MET B 556 1.12 19.08 12.64
C MET B 556 0.03 18.06 12.99
N VAL B 557 -0.20 17.78 14.27
CA VAL B 557 -0.98 16.59 14.63
C VAL B 557 -2.41 16.69 14.11
N ASP B 558 -2.94 17.90 13.94
CA ASP B 558 -4.30 18.08 13.46
C ASP B 558 -4.36 18.48 11.98
N ALA B 559 -3.24 18.41 11.27
CA ALA B 559 -3.23 18.80 9.88
C ALA B 559 -3.90 17.73 9.02
N ASN B 560 -4.35 18.16 7.84
N ASN B 560 -4.38 18.15 7.85
CA ASN B 560 -4.97 17.28 6.85
CA ASN B 560 -4.99 17.22 6.90
C ASN B 560 -3.90 16.56 6.01
C ASN B 560 -3.89 16.61 6.03
N ILE B 561 -3.08 15.78 6.70
CA ILE B 561 -2.00 15.02 6.09
C ILE B 561 -2.34 13.55 6.30
N PRO B 562 -2.46 12.74 5.24
CA PRO B 562 -3.05 11.41 5.40
C PRO B 562 -2.43 10.55 6.51
N ASP B 563 -1.12 10.37 6.50
CA ASP B 563 -0.51 9.44 7.45
C ASP B 563 -0.41 10.00 8.85
N ILE B 564 -0.64 11.30 9.03
CA ILE B 564 -0.82 11.86 10.36
C ILE B 564 -2.26 11.69 10.82
N ALA B 565 -3.21 12.01 9.95
CA ALA B 565 -4.63 11.93 10.31
C ALA B 565 -5.06 10.52 10.66
N LEU B 566 -4.32 9.50 10.21
CA LEU B 566 -4.66 8.13 10.59
C LEU B 566 -4.59 7.94 12.10
N GLU B 567 -3.59 8.55 12.75
CA GLU B 567 -3.40 8.41 14.20
C GLU B 567 -2.77 9.68 14.75
N PRO B 568 -3.53 10.77 14.83
CA PRO B 568 -2.95 12.01 15.35
C PRO B 568 -2.30 11.85 16.72
N ASP B 569 -2.92 11.06 17.60
CA ASP B 569 -2.47 10.94 18.98
C ASP B 569 -1.13 10.23 19.12
N LYS B 570 -0.73 9.43 18.13
CA LYS B 570 0.50 8.66 18.19
C LYS B 570 1.58 9.17 17.25
N THR B 571 1.33 10.28 16.56
CA THR B 571 2.23 10.72 15.49
C THR B 571 3.58 11.14 16.04
N VAL B 572 3.60 11.98 17.08
CA VAL B 572 4.87 12.47 17.60
C VAL B 572 5.69 11.31 18.17
N LYS B 573 5.03 10.41 18.90
CA LYS B 573 5.74 9.26 19.49
C LYS B 573 6.40 8.40 18.43
N LYS B 574 5.78 8.28 17.24
CA LYS B 574 6.38 7.47 16.18
C LYS B 574 7.74 8.03 15.77
N VAL B 575 7.85 9.36 15.69
CA VAL B 575 9.14 9.98 15.40
C VAL B 575 10.06 9.88 16.62
N GLN B 576 9.53 10.22 17.80
CA GLN B 576 10.34 10.23 19.02
C GLN B 576 11.05 8.90 19.22
N ASP B 577 10.33 7.79 19.00
CA ASP B 577 10.92 6.47 19.24
C ASP B 577 12.17 6.24 18.38
N LYS B 578 12.19 6.80 17.17
CA LYS B 578 13.32 6.57 16.27
C LYS B 578 14.61 7.15 16.82
N PHE B 579 14.53 8.25 17.58
CA PHE B 579 15.72 8.87 18.13
C PHE B 579 16.37 8.03 19.23
N ARG B 580 15.66 7.07 19.79
CA ARG B 580 16.17 6.24 20.89
C ARG B 580 16.80 7.11 21.97
N LEU B 581 16.03 8.11 22.43
CA LEU B 581 16.53 9.05 23.43
C LEU B 581 16.81 8.37 24.76
N ASP B 582 16.30 7.15 24.95
CA ASP B 582 16.65 6.35 26.11
C ASP B 582 18.11 5.91 26.11
N LEU B 583 18.78 6.00 24.95
CA LEU B 583 20.15 5.53 24.80
C LEU B 583 21.13 6.69 24.83
N SER B 584 22.28 6.47 25.48
CA SER B 584 23.36 7.44 25.39
C SER B 584 23.93 7.45 23.97
N ASP B 585 24.79 8.43 23.71
CA ASP B 585 25.41 8.53 22.38
C ASP B 585 26.15 7.24 22.04
N GLU B 586 26.93 6.72 22.98
CA GLU B 586 27.67 5.49 22.71
C GLU B 586 26.73 4.33 22.43
N GLU B 587 25.67 4.18 23.23
CA GLU B 587 24.69 3.13 22.98
C GLU B 587 23.92 3.37 21.70
N ALA B 588 23.69 4.63 21.34
CA ALA B 588 22.95 4.94 20.12
C ALA B 588 23.76 4.58 18.88
N VAL B 589 25.08 4.77 18.93
CA VAL B 589 25.94 4.34 17.83
C VAL B 589 25.90 2.83 17.67
N HIS B 590 25.98 2.11 18.79
N HIS B 590 25.98 2.11 18.79
CA HIS B 590 25.92 0.65 18.74
CA HIS B 590 25.91 0.65 18.71
C HIS B 590 24.57 0.19 18.18
C HIS B 590 24.57 0.19 18.17
N TYR B 591 23.49 0.84 18.61
CA TYR B 591 22.16 0.50 18.10
C TYR B 591 22.09 0.71 16.58
N MET B 592 22.57 1.87 16.11
CA MET B 592 22.53 2.15 14.68
C MET B 592 23.41 1.18 13.89
N GLN B 593 24.59 0.85 14.41
CA GLN B 593 25.43 -0.14 13.74
C GLN B 593 24.69 -1.46 13.58
N SER B 594 24.05 -1.93 14.66
N SER B 594 24.06 -1.94 14.65
CA SER B 594 23.34 -3.20 14.60
CA SER B 594 23.34 -3.21 14.58
C SER B 594 22.16 -3.13 13.63
C SER B 594 22.18 -3.12 13.60
N LEU B 595 21.50 -1.97 13.57
CA LEU B 595 20.37 -1.81 12.65
C LEU B 595 20.82 -1.89 11.19
N ILE B 596 21.87 -1.16 10.85
CA ILE B 596 22.37 -1.17 9.47
C ILE B 596 22.85 -2.57 9.10
N ASP B 597 23.64 -3.18 9.96
CA ASP B 597 24.19 -4.50 9.65
C ASP B 597 23.08 -5.54 9.50
N GLU B 598 22.12 -5.53 10.43
CA GLU B 598 21.00 -6.47 10.34
C GLU B 598 20.22 -6.26 9.05
N SER B 599 19.99 -5.00 8.68
N SER B 599 19.98 -5.00 8.69
CA SER B 599 19.25 -4.74 7.45
CA SER B 599 19.26 -4.72 7.45
C SER B 599 20.04 -5.19 6.23
C SER B 599 20.04 -5.21 6.24
N VAL B 600 21.36 -5.02 6.25
CA VAL B 600 22.17 -5.43 5.11
C VAL B 600 22.30 -6.95 5.08
N HIS B 601 22.50 -7.57 6.24
CA HIS B 601 22.61 -9.02 6.28
C HIS B 601 21.34 -9.67 5.71
N ALA B 602 20.17 -9.19 6.14
CA ALA B 602 18.91 -9.75 5.65
C ALA B 602 18.77 -9.55 4.15
N LEU B 603 19.29 -8.46 3.60
CA LEU B 603 19.21 -8.23 2.16
C LEU B 603 20.07 -9.23 1.39
N PHE B 604 21.22 -9.62 1.95
CA PHE B 604 22.11 -10.58 1.30
C PHE B 604 21.97 -11.95 1.96
C4 7IQ C . -2.70 -13.64 -17.48
C14 7IQ C . 2.09 -9.19 -14.25
C6 7IQ C . -1.65 -12.06 -18.96
C11 7IQ C . 0.46 -10.94 -13.55
C7 7IQ C . -0.60 -11.75 -17.89
C9 7IQ C . -0.42 -11.44 -15.54
C10 7IQ C . -0.47 -11.73 -14.18
C1 7IQ C . -0.61 -14.36 -16.30
C16 7IQ C . 3.21 -9.28 -15.32
C17 7IQ C . 4.41 -9.97 -14.63
C18 7IQ C . 3.93 -10.35 -13.21
C19 7IQ C . 2.76 -9.39 -12.88
C2 7IQ C . -1.74 -13.31 -16.34
C22 7IQ C . 0.85 -10.81 -12.15
N12 7IQ C . 1.06 -10.17 -14.52
N13 7IQ C . 0.49 -10.50 -15.74
N21 7IQ C . 1.93 -10.05 -11.89
N8 7IQ C . -1.19 -11.97 -16.57
O23 7IQ C . 0.23 -11.35 -11.25
O5 7IQ C . -2.08 -13.41 -18.75
C1 GOL D . 4.08 -10.12 -7.30
O1 GOL D . 4.51 -11.12 -8.17
C2 GOL D . 3.37 -9.07 -8.18
O2 GOL D . 2.29 -9.61 -8.86
C3 GOL D . 2.96 -7.95 -7.20
O3 GOL D . 2.60 -6.86 -8.00
C1 GOL E . -33.67 1.03 -22.25
O1 GOL E . -33.91 2.34 -22.67
C2 GOL E . -32.29 0.68 -22.85
O2 GOL E . -32.12 -0.65 -23.06
C3 GOL E . -31.27 1.27 -21.83
O3 GOL E . -31.91 1.34 -20.56
H11 GOL E . -33.65 0.94 -21.28
H12 GOL E . -34.35 0.40 -22.56
HO1 GOL E . -34.72 2.49 -22.54
H2 GOL E . -32.21 1.08 -23.74
HO2 GOL E . -32.73 -0.93 -23.59
H31 GOL E . -30.96 2.12 -22.16
H32 GOL E . -30.48 0.69 -21.83
HO3 GOL E . -31.35 1.60 -20.00
NA NA F . 0.48 -38.37 19.17
NA NA G . 13.84 -14.70 -10.55
NA NA H . 7.70 -9.78 -21.76
NA NA I . -9.26 -18.36 -20.23
C4 7IQ J . 12.87 15.74 -7.95
C14 7IQ J . 7.54 11.17 -9.94
C6 7IQ J . 13.28 14.57 -9.98
C11 7IQ J . 8.04 12.66 -8.00
C7 7IQ J . 11.82 14.10 -10.04
C9 7IQ J . 10.03 13.43 -8.63
C10 7IQ J . 9.06 13.49 -7.61
C1 7IQ J . 10.56 16.46 -8.57
C16 7IQ J . 7.53 11.50 -11.46
C17 7IQ J . 6.17 12.16 -11.75
C18 7IQ J . 5.43 12.27 -10.40
C19 7IQ J . 6.07 11.20 -9.48
C2 7IQ J . 11.40 15.35 -7.94
C22 7IQ J . 6.77 12.32 -7.36
N12 7IQ J . 8.37 12.12 -9.22
N13 7IQ J . 9.62 12.61 -9.57
N21 7IQ J . 5.88 11.61 -8.09
N8 7IQ J . 11.27 14.08 -8.69
O23 7IQ J . 6.52 12.63 -6.20
O5 7IQ J . 13.32 15.83 -9.30
C1 GOL K . 2.25 8.63 -6.11
O1 GOL K . 3.23 8.15 -6.98
C2 GOL K . 2.31 10.18 -6.16
O2 GOL K . 3.54 10.66 -6.62
C3 GOL K . 1.14 10.62 -7.04
O3 GOL K . 1.35 11.97 -7.34
NA NA L . 10.30 26.67 2.58
#